data_3GMA
#
_entry.id   3GMA
#
_cell.length_a   156.472
_cell.length_b   156.472
_cell.length_c   141.403
_cell.angle_alpha   90.00
_cell.angle_beta   90.00
_cell.angle_gamma   120.00
#
_symmetry.space_group_name_H-M   'P 31 2 1'
#
loop_
_entity.id
_entity.type
_entity.pdbx_description
1 polymer 'Glutaconyl-CoA decarboxylase subunit A'
2 non-polymer 'glutaryl-coenzyme A'
3 water water
#
_entity_poly.entity_id   1
_entity_poly.type   'polypeptide(L)'
_entity_poly.pdbx_seq_one_letter_code
;MNMYSMPGYFQNMPTIGKELVNPNPENEQEIKAVESDIHESIKKALDAGITSEEKLNERGQLSAMQRINALIDPGTWCPL
NSLFNPENNKFGTTNIVNGLGRVDGKWVYIVASDNKKMAGAWVPGQAENLIRCSDAAKMMHLPLIYLLNCSGVEFPNQDK
VYPNRRGGGTPFFRNSELNQLGIPVIVGIYGTNPAGGGYHSISPTILIAHQDANMAVGGAGILSGMNPKGYIDDEAAEQI
IAAQIENSKLKVPAPGSVPIHYDETGFFREVYQNDLGVIDGIKKYISYLPAYNLEFFRVDTPKAPQLPAEDLYSIIPMNQ
KRPYDIYEVIARLFDNSEFSEYKKGYGPEMVTGLAKVNGLLVGVIANVQGLLMNYPEYKQNSVGIGGKLYRQGLIKMNEF
VTLCARDRIPLIWLQDTTGIDVGDEAEKAELLGLGQSLIYSIENSKLPSLEITIRKASAAAHYVLGGPQGNNTNVFSIGT
GACEYYVMPGETAANAMYSRKLVKAKKAGEDLQPIIGKMNDMIQMYTDKSRPKYCTEKGMVDEIVDMTEVRPYIQAFTEA
AYQNPQSICPMHQMLTPRSTREFETFGK
;
_entity_poly.pdbx_strand_id   A,B
#
loop_
_chem_comp.id
_chem_comp.type
_chem_comp.name
_chem_comp.formula
GRA non-polymer 'glutaryl-coenzyme A' 'C26 H42 N7 O19 P3 S'
#
# COMPACT_ATOMS: atom_id res chain seq x y z
N MET A 3 4.07 6.13 25.71
CA MET A 3 4.63 5.16 24.72
C MET A 3 4.62 5.77 23.32
N TYR A 4 5.14 7.00 23.22
CA TYR A 4 5.16 7.77 21.97
C TYR A 4 6.54 8.39 21.70
N SER A 5 6.82 8.65 20.43
CA SER A 5 8.06 9.35 20.04
C SER A 5 8.01 10.83 20.41
N MET A 6 9.13 11.33 20.92
CA MET A 6 9.41 12.78 21.00
C MET A 6 8.38 13.64 21.74
N PRO A 7 8.02 13.26 22.98
CA PRO A 7 7.05 14.08 23.71
C PRO A 7 7.50 15.55 23.83
N GLY A 8 8.81 15.78 23.85
CA GLY A 8 9.40 17.11 23.85
C GLY A 8 8.88 17.98 22.72
N TYR A 9 8.57 17.36 21.59
CA TYR A 9 8.03 18.07 20.43
C TYR A 9 6.52 17.97 20.32
N PHE A 10 5.98 16.80 20.61
CA PHE A 10 4.60 16.49 20.26
C PHE A 10 3.59 16.55 21.42
N GLN A 11 4.09 16.49 22.65
CA GLN A 11 3.24 16.61 23.82
C GLN A 11 3.47 17.93 24.54
N ASN A 12 2.47 18.33 25.34
CA ASN A 12 2.51 19.61 26.06
C ASN A 12 2.82 20.79 25.14
N MET A 13 2.24 20.80 23.94
CA MET A 13 2.39 21.92 23.03
C MET A 13 1.69 23.13 23.66
N PRO A 14 2.05 24.36 23.23
CA PRO A 14 1.25 25.50 23.71
C PRO A 14 -0.26 25.22 23.57
N THR A 15 -1.03 25.66 24.56
CA THR A 15 -2.47 25.59 24.48
C THR A 15 -3.00 26.93 24.06
N ILE A 16 -4.15 26.94 23.38
CA ILE A 16 -4.72 28.17 22.86
C ILE A 16 -6.20 28.23 23.22
N GLY A 17 -6.82 29.38 22.96
CA GLY A 17 -8.23 29.58 23.27
C GLY A 17 -8.51 30.06 24.67
N LYS A 18 -9.57 30.85 24.80
CA LYS A 18 -10.08 31.34 26.08
C LYS A 18 -11.45 30.72 26.36
N GLU A 19 -11.80 30.62 27.64
CA GLU A 19 -13.17 30.31 28.01
C GLU A 19 -14.08 31.43 27.51
N LEU A 20 -15.25 31.07 26.98
CA LEU A 20 -16.17 32.05 26.38
C LEU A 20 -16.81 32.99 27.41
N VAL A 21 -16.49 34.27 27.33
CA VAL A 21 -16.99 35.24 28.33
C VAL A 21 -18.41 35.72 28.04
N ASN A 22 -18.65 36.21 26.82
CA ASN A 22 -19.97 36.71 26.46
C ASN A 22 -20.64 35.91 25.33
N PRO A 23 -21.58 35.00 25.69
CA PRO A 23 -22.41 34.28 24.74
C PRO A 23 -23.23 35.23 23.84
N ASN A 24 -23.66 34.74 22.68
CA ASN A 24 -24.46 35.54 21.77
C ASN A 24 -25.63 34.72 21.22
N PRO A 25 -26.79 34.77 21.91
CA PRO A 25 -27.97 33.98 21.52
C PRO A 25 -28.47 34.32 20.11
N GLU A 26 -28.43 35.58 19.73
CA GLU A 26 -28.92 36.04 18.41
C GLU A 26 -28.13 35.35 17.29
N ASN A 27 -26.80 35.40 17.42
CA ASN A 27 -25.90 34.76 16.48
C ASN A 27 -26.11 33.25 16.42
N GLU A 28 -26.11 32.61 17.59
CA GLU A 28 -26.35 31.17 17.71
C GLU A 28 -27.64 30.75 17.01
N GLN A 29 -28.72 31.48 17.25
CA GLN A 29 -30.01 31.21 16.64
C GLN A 29 -29.94 31.35 15.12
N GLU A 30 -29.22 32.35 14.63
CA GLU A 30 -29.05 32.57 13.18
C GLU A 30 -28.34 31.41 12.51
N ILE A 31 -27.27 30.92 13.14
CA ILE A 31 -26.56 29.73 12.65
C ILE A 31 -27.48 28.51 12.65
N LYS A 32 -28.14 28.27 13.78
CA LYS A 32 -29.00 27.08 13.93
C LYS A 32 -30.20 27.09 12.98
N ALA A 33 -30.60 28.28 12.54
CA ALA A 33 -31.67 28.43 11.55
C ALA A 33 -31.25 27.87 10.20
N VAL A 34 -30.02 28.18 9.80
CA VAL A 34 -29.41 27.61 8.60
C VAL A 34 -29.24 26.08 8.76
N GLU A 35 -28.68 25.66 9.90
CA GLU A 35 -28.48 24.23 10.22
C GLU A 35 -29.78 23.43 10.22
N SER A 36 -30.85 24.02 10.77
CA SER A 36 -32.18 23.40 10.76
C SER A 36 -32.74 23.24 9.37
N ASP A 37 -32.63 24.29 8.55
CA ASP A 37 -33.10 24.24 7.18
C ASP A 37 -32.39 23.14 6.39
N ILE A 38 -31.07 23.00 6.62
CA ILE A 38 -30.29 21.94 5.99
C ILE A 38 -30.81 20.56 6.42
N HIS A 39 -30.87 20.33 7.72
CA HIS A 39 -31.36 19.05 8.26
C HIS A 39 -32.75 18.71 7.75
N GLU A 40 -33.59 19.74 7.68
CA GLU A 40 -34.97 19.60 7.22
C GLU A 40 -35.03 19.25 5.73
N SER A 41 -34.19 19.92 4.94
CA SER A 41 -34.11 19.65 3.50
C SER A 41 -33.58 18.24 3.22
N ILE A 42 -32.62 17.81 4.04
CA ILE A 42 -32.04 16.47 3.91
C ILE A 42 -33.09 15.41 4.24
N LYS A 43 -33.83 15.62 5.33
CA LYS A 43 -34.90 14.70 5.73
C LYS A 43 -35.98 14.58 4.66
N LYS A 44 -36.44 15.71 4.14
CA LYS A 44 -37.43 15.73 3.06
C LYS A 44 -36.94 15.00 1.82
N ALA A 45 -35.67 15.20 1.48
CA ALA A 45 -35.04 14.58 0.31
C ALA A 45 -34.86 13.06 0.47
N LEU A 46 -34.49 12.63 1.67
CA LEU A 46 -34.34 11.20 1.94
C LEU A 46 -35.69 10.48 1.93
N ASP A 47 -36.76 11.20 2.29
CA ASP A 47 -38.11 10.65 2.31
C ASP A 47 -38.81 10.67 0.95
N ALA A 48 -38.44 11.65 0.11
CA ALA A 48 -39.01 11.79 -1.23
C ALA A 48 -38.88 10.52 -2.07
N GLY A 49 -39.73 10.39 -3.08
CA GLY A 49 -39.69 9.25 -3.99
C GLY A 49 -40.98 8.45 -4.01
N ILE A 50 -41.22 7.77 -5.11
CA ILE A 50 -42.46 7.00 -5.34
C ILE A 50 -42.74 5.82 -4.38
N THR A 51 -41.75 5.38 -3.61
CA THR A 51 -41.92 4.26 -2.66
C THR A 51 -41.36 4.63 -1.29
N SER A 52 -42.19 4.53 -0.25
CA SER A 52 -41.74 4.87 1.10
C SER A 52 -40.81 3.79 1.68
N GLU A 53 -40.16 4.13 2.80
CA GLU A 53 -39.40 3.15 3.57
C GLU A 53 -40.32 2.05 4.13
N GLU A 54 -41.51 2.46 4.59
CA GLU A 54 -42.52 1.55 5.13
C GLU A 54 -42.95 0.51 4.10
N LYS A 55 -43.16 0.96 2.86
CA LYS A 55 -43.56 0.08 1.77
C LYS A 55 -42.43 -0.86 1.36
N LEU A 56 -41.22 -0.33 1.31
CA LEU A 56 -40.02 -1.11 1.09
C LEU A 56 -39.90 -2.23 2.12
N ASN A 57 -40.06 -1.89 3.40
CA ASN A 57 -39.98 -2.86 4.49
C ASN A 57 -41.03 -3.96 4.39
N GLU A 58 -42.22 -3.60 3.92
CA GLU A 58 -43.30 -4.55 3.73
C GLU A 58 -42.98 -5.60 2.67
N ARG A 59 -42.27 -5.17 1.63
CA ARG A 59 -41.87 -6.06 0.54
C ARG A 59 -40.58 -6.83 0.82
N GLY A 60 -40.00 -6.63 2.01
CA GLY A 60 -38.81 -7.37 2.43
C GLY A 60 -37.49 -6.70 2.10
N GLN A 61 -37.52 -5.38 1.94
CA GLN A 61 -36.35 -4.61 1.55
C GLN A 61 -36.03 -3.46 2.50
N LEU A 62 -34.75 -3.18 2.68
CA LEU A 62 -34.33 -2.03 3.47
C LEU A 62 -34.11 -0.83 2.56
N SER A 63 -34.25 0.37 3.12
CA SER A 63 -33.92 1.60 2.43
C SER A 63 -32.40 1.86 2.48
N ALA A 64 -31.94 2.92 1.82
CA ALA A 64 -30.52 3.27 1.80
C ALA A 64 -29.99 3.52 3.21
N MET A 65 -30.66 4.39 3.96
CA MET A 65 -30.27 4.72 5.33
C MET A 65 -30.35 3.53 6.30
N GLN A 66 -31.29 2.62 6.09
CA GLN A 66 -31.37 1.43 6.92
C GLN A 66 -30.19 0.50 6.67
N ARG A 67 -29.84 0.31 5.41
CA ARG A 67 -28.66 -0.46 5.02
C ARG A 67 -27.38 0.18 5.55
N ILE A 68 -27.27 1.51 5.46
CA ILE A 68 -26.11 2.23 5.96
C ILE A 68 -26.00 2.10 7.46
N ASN A 69 -27.10 2.35 8.18
CA ASN A 69 -27.11 2.26 9.65
C ASN A 69 -26.88 0.85 10.20
N ALA A 70 -27.19 -0.16 9.42
CA ALA A 70 -26.91 -1.55 9.79
C ALA A 70 -25.43 -1.89 9.59
N LEU A 71 -24.75 -1.15 8.70
CA LEU A 71 -23.37 -1.45 8.37
C LEU A 71 -22.39 -0.78 9.32
N ILE A 72 -22.63 0.49 9.64
CA ILE A 72 -21.67 1.31 10.36
C ILE A 72 -21.77 1.25 11.89
N ASP A 73 -20.64 1.46 12.55
CA ASP A 73 -20.60 1.73 13.99
C ASP A 73 -21.49 2.93 14.27
N PRO A 74 -22.36 2.83 15.29
CA PRO A 74 -23.27 3.94 15.62
C PRO A 74 -22.54 5.26 15.83
N GLY A 75 -23.11 6.35 15.33
CA GLY A 75 -22.52 7.68 15.51
C GLY A 75 -21.31 8.03 14.65
N THR A 76 -20.97 7.19 13.68
CA THR A 76 -19.80 7.47 12.83
C THR A 76 -20.14 7.91 11.41
N TRP A 77 -21.43 8.10 11.12
CA TRP A 77 -21.87 8.47 9.79
C TRP A 77 -21.57 9.92 9.46
N CYS A 78 -20.73 10.11 8.44
CA CYS A 78 -20.42 11.44 7.92
C CYS A 78 -20.90 11.58 6.48
N PRO A 79 -22.17 11.98 6.30
CA PRO A 79 -22.68 12.07 4.93
C PRO A 79 -22.00 13.19 4.15
N LEU A 80 -21.90 13.01 2.83
CA LEU A 80 -21.45 14.08 1.94
C LEU A 80 -22.40 14.17 0.76
N ASN A 81 -22.52 15.36 0.17
CA ASN A 81 -23.35 15.56 -1.03
C ASN A 81 -24.82 15.21 -0.77
N SER A 82 -25.25 15.40 0.48
CA SER A 82 -26.62 15.09 0.89
C SER A 82 -27.62 15.83 0.01
N LEU A 83 -27.37 17.12 -0.18
CA LEU A 83 -28.26 17.97 -0.96
C LEU A 83 -27.75 18.26 -2.39
N PHE A 84 -26.70 17.54 -2.81
CA PHE A 84 -26.16 17.71 -4.15
C PHE A 84 -27.24 17.40 -5.17
N ASN A 85 -27.55 18.40 -5.99
CA ASN A 85 -28.57 18.31 -7.02
C ASN A 85 -28.33 19.37 -8.09
N PRO A 86 -27.20 19.26 -8.83
CA PRO A 86 -26.80 20.35 -9.72
C PRO A 86 -27.78 20.56 -10.89
N GLU A 87 -28.43 19.48 -11.29
CA GLU A 87 -29.37 19.48 -12.43
C GLU A 87 -30.82 19.71 -12.01
N ASN A 88 -31.04 19.85 -10.71
CA ASN A 88 -32.35 20.23 -10.18
C ASN A 88 -33.46 19.19 -10.38
N ASN A 89 -33.15 17.92 -10.11
CA ASN A 89 -34.15 16.87 -10.10
C ASN A 89 -35.25 17.20 -9.07
N LYS A 90 -36.49 16.81 -9.36
CA LYS A 90 -37.64 17.17 -8.49
C LYS A 90 -37.51 16.62 -7.06
N PHE A 91 -36.98 15.40 -6.93
CA PHE A 91 -36.80 14.78 -5.61
C PHE A 91 -35.72 15.44 -4.76
N GLY A 92 -34.84 16.21 -5.40
CA GLY A 92 -33.79 16.95 -4.70
C GLY A 92 -32.46 16.24 -4.48
N THR A 93 -32.32 15.02 -4.98
CA THR A 93 -31.09 14.26 -4.83
C THR A 93 -30.55 13.73 -6.16
N THR A 94 -29.40 13.06 -6.10
CA THR A 94 -28.82 12.36 -7.24
C THR A 94 -29.09 10.84 -7.16
N ASN A 95 -30.02 10.44 -6.30
CA ASN A 95 -30.41 9.03 -6.11
C ASN A 95 -29.36 8.14 -5.47
N ILE A 96 -28.36 8.74 -4.84
CA ILE A 96 -27.38 7.98 -4.08
C ILE A 96 -27.14 8.68 -2.76
N VAL A 97 -26.87 7.88 -1.74
CA VAL A 97 -26.50 8.39 -0.44
C VAL A 97 -25.06 7.98 -0.24
N ASN A 98 -24.21 8.95 0.05
CA ASN A 98 -22.79 8.71 0.15
C ASN A 98 -22.12 9.50 1.28
N GLY A 99 -20.98 9.01 1.74
CA GLY A 99 -20.23 9.64 2.81
C GLY A 99 -19.27 8.68 3.45
N LEU A 100 -18.73 9.10 4.59
CA LEU A 100 -17.76 8.29 5.33
C LEU A 100 -18.45 7.58 6.49
N GLY A 101 -18.13 6.30 6.67
CA GLY A 101 -18.62 5.54 7.80
C GLY A 101 -17.54 4.62 8.32
N ARG A 102 -17.63 4.27 9.60
CA ARG A 102 -16.68 3.38 10.22
C ARG A 102 -17.33 2.01 10.47
N VAL A 103 -16.61 0.94 10.16
CA VAL A 103 -17.12 -0.41 10.29
C VAL A 103 -16.17 -1.23 11.14
N ASP A 104 -16.60 -1.50 12.37
CA ASP A 104 -15.76 -2.18 13.36
C ASP A 104 -14.37 -1.54 13.52
N GLY A 105 -14.34 -0.20 13.59
CA GLY A 105 -13.10 0.53 13.75
C GLY A 105 -12.40 0.94 12.45
N LYS A 106 -12.81 0.36 11.31
CA LYS A 106 -12.24 0.70 10.00
C LYS A 106 -13.08 1.68 9.23
N TRP A 107 -12.50 2.81 8.85
CA TRP A 107 -13.19 3.78 8.01
C TRP A 107 -13.27 3.28 6.58
N VAL A 108 -14.43 3.48 5.96
CA VAL A 108 -14.65 3.12 4.56
C VAL A 108 -15.48 4.18 3.88
N TYR A 109 -15.43 4.24 2.56
CA TYR A 109 -16.29 5.15 1.81
C TYR A 109 -17.52 4.39 1.35
N ILE A 110 -18.69 4.96 1.63
CA ILE A 110 -19.96 4.26 1.38
C ILE A 110 -20.82 4.96 0.33
N VAL A 111 -21.31 4.18 -0.62
CA VAL A 111 -22.25 4.67 -1.65
C VAL A 111 -23.46 3.74 -1.64
N ALA A 112 -24.65 4.32 -1.45
CA ALA A 112 -25.88 3.54 -1.40
C ALA A 112 -26.92 4.04 -2.39
N SER A 113 -27.38 3.14 -3.25
CA SER A 113 -28.47 3.45 -4.19
C SER A 113 -29.75 3.81 -3.44
N ASP A 114 -30.44 4.86 -3.87
CA ASP A 114 -31.73 5.19 -3.25
C ASP A 114 -32.88 4.46 -3.93
N ASN A 115 -33.21 3.28 -3.41
CA ASN A 115 -34.26 2.43 -3.99
C ASN A 115 -35.71 2.93 -3.75
N LYS A 116 -35.85 4.11 -3.15
CA LYS A 116 -37.14 4.77 -3.00
C LYS A 116 -37.52 5.50 -4.28
N LYS A 117 -36.52 5.81 -5.10
CA LYS A 117 -36.70 6.69 -6.26
C LYS A 117 -36.35 5.96 -7.55
N MET A 118 -37.39 5.59 -8.30
CA MET A 118 -37.25 4.88 -9.58
C MET A 118 -36.30 3.70 -9.49
N ALA A 119 -36.40 2.95 -8.39
CA ALA A 119 -35.54 1.78 -8.13
C ALA A 119 -34.03 2.06 -8.31
N GLY A 120 -33.58 3.21 -7.83
CA GLY A 120 -32.18 3.61 -7.86
C GLY A 120 -31.62 3.93 -9.24
N ALA A 121 -32.46 4.51 -10.09
CA ALA A 121 -32.10 4.83 -11.46
C ALA A 121 -31.02 5.91 -11.55
N TRP A 122 -30.27 5.88 -12.64
CA TRP A 122 -29.32 6.95 -12.98
C TRP A 122 -30.09 8.23 -13.29
N VAL A 123 -29.84 9.27 -12.50
CA VAL A 123 -30.50 10.55 -12.72
C VAL A 123 -29.48 11.68 -12.98
N PRO A 124 -29.89 12.77 -13.64
CA PRO A 124 -28.92 13.84 -13.90
C PRO A 124 -28.15 14.24 -12.64
N GLY A 125 -26.84 14.44 -12.78
CA GLY A 125 -25.98 14.80 -11.65
C GLY A 125 -25.36 13.62 -10.91
N GLN A 126 -25.88 12.40 -11.13
CA GLN A 126 -25.43 11.23 -10.37
C GLN A 126 -23.98 10.85 -10.69
N ALA A 127 -23.65 10.83 -11.99
CA ALA A 127 -22.32 10.44 -12.44
C ALA A 127 -21.24 11.27 -11.77
N GLU A 128 -21.46 12.58 -11.72
CA GLU A 128 -20.56 13.53 -11.06
C GLU A 128 -20.41 13.20 -9.59
N ASN A 129 -21.55 12.98 -8.91
CA ASN A 129 -21.59 12.58 -7.50
C ASN A 129 -20.80 11.30 -7.27
N LEU A 130 -20.98 10.30 -8.14
CA LEU A 130 -20.25 9.03 -8.02
C LEU A 130 -18.74 9.17 -8.17
N ILE A 131 -18.31 10.09 -9.04
CA ILE A 131 -16.89 10.35 -9.25
C ILE A 131 -16.24 11.00 -8.03
N ARG A 132 -16.99 11.88 -7.37
CA ARG A 132 -16.56 12.46 -6.11
C ARG A 132 -16.36 11.40 -5.03
N CYS A 133 -17.10 10.31 -5.13
CA CYS A 133 -16.95 9.21 -4.18
C CYS A 133 -15.64 8.47 -4.43
N SER A 134 -15.45 8.00 -5.65
CA SER A 134 -14.29 7.17 -5.99
C SER A 134 -12.98 7.97 -5.95
N ASP A 135 -13.04 9.27 -6.22
CA ASP A 135 -11.90 10.16 -6.06
C ASP A 135 -11.46 10.20 -4.60
N ALA A 136 -12.42 10.36 -3.69
CA ALA A 136 -12.12 10.39 -2.25
C ALA A 136 -11.41 9.12 -1.80
N ALA A 137 -11.94 7.98 -2.23
CA ALA A 137 -11.37 6.67 -1.93
C ALA A 137 -9.97 6.55 -2.52
N LYS A 138 -9.82 7.02 -3.76
CA LYS A 138 -8.52 7.04 -4.44
C LYS A 138 -7.48 7.84 -3.66
N MET A 139 -7.80 9.09 -3.30
CA MET A 139 -6.87 10.00 -2.64
C MET A 139 -6.48 9.57 -1.23
N MET A 140 -7.34 8.77 -0.59
CA MET A 140 -7.12 8.33 0.79
C MET A 140 -6.74 6.85 0.89
N HIS A 141 -6.72 6.16 -0.27
CA HIS A 141 -6.49 4.71 -0.30
CA HIS A 141 -6.55 4.71 -0.34
C HIS A 141 -7.47 4.02 0.67
N LEU A 142 -8.72 4.46 0.62
CA LEU A 142 -9.80 3.97 1.47
C LEU A 142 -10.72 3.06 0.66
N PRO A 143 -11.14 1.91 1.24
CA PRO A 143 -12.08 0.98 0.62
C PRO A 143 -13.40 1.63 0.23
N LEU A 144 -13.91 1.24 -0.94
CA LEU A 144 -15.17 1.78 -1.43
C LEU A 144 -16.24 0.71 -1.34
N ILE A 145 -17.35 1.05 -0.68
CA ILE A 145 -18.43 0.10 -0.43
C ILE A 145 -19.69 0.58 -1.12
N TYR A 146 -20.22 -0.27 -1.99
CA TYR A 146 -21.50 -0.01 -2.66
C TYR A 146 -22.61 -0.84 -2.06
N LEU A 147 -23.66 -0.16 -1.60
CA LEU A 147 -24.91 -0.82 -1.23
C LEU A 147 -25.83 -0.61 -2.42
N LEU A 148 -25.76 -1.55 -3.37
CA LEU A 148 -26.24 -1.32 -4.71
C LEU A 148 -27.65 -1.84 -4.99
N ASN A 149 -28.47 -0.98 -5.59
CA ASN A 149 -29.86 -1.28 -5.93
C ASN A 149 -30.19 -0.37 -7.11
N CYS A 150 -29.74 -0.74 -8.30
CA CYS A 150 -29.67 0.21 -9.42
C CYS A 150 -30.32 -0.26 -10.71
N SER A 151 -31.35 0.48 -11.13
CA SER A 151 -32.14 0.10 -12.31
C SER A 151 -31.58 0.69 -13.61
N GLY A 152 -30.45 1.36 -13.52
CA GLY A 152 -29.78 1.92 -14.69
C GLY A 152 -30.35 3.25 -15.17
N VAL A 153 -30.11 3.54 -16.45
CA VAL A 153 -30.48 4.79 -17.10
C VAL A 153 -31.96 5.13 -16.92
N GLU A 154 -32.23 6.36 -16.47
CA GLU A 154 -33.57 6.92 -16.50
C GLU A 154 -33.87 7.27 -17.95
N PHE A 155 -34.79 6.53 -18.57
CA PHE A 155 -35.06 6.62 -20.01
C PHE A 155 -35.35 8.05 -20.54
N PRO A 156 -36.24 8.82 -19.87
CA PRO A 156 -36.48 10.21 -20.32
C PRO A 156 -35.24 11.09 -20.31
N ASN A 157 -34.28 10.78 -19.45
CA ASN A 157 -33.10 11.59 -19.24
C ASN A 157 -31.80 10.99 -19.81
N GLN A 158 -31.92 9.97 -20.66
CA GLN A 158 -30.76 9.24 -21.16
C GLN A 158 -29.58 10.12 -21.63
N ASP A 159 -29.88 11.20 -22.37
CA ASP A 159 -28.85 12.07 -22.91
C ASP A 159 -28.00 12.76 -21.84
N LYS A 160 -28.52 12.81 -20.61
CA LYS A 160 -27.83 13.46 -19.50
C LYS A 160 -27.15 12.47 -18.54
N VAL A 161 -27.47 11.19 -18.68
CA VAL A 161 -26.97 10.18 -17.74
C VAL A 161 -26.15 9.09 -18.41
N TYR A 162 -26.33 8.91 -19.71
CA TYR A 162 -25.68 7.83 -20.44
C TYR A 162 -24.29 8.17 -21.05
N PRO A 163 -24.19 9.25 -21.83
CA PRO A 163 -22.97 9.43 -22.61
C PRO A 163 -21.91 10.28 -21.89
N ASN A 164 -20.81 10.57 -22.60
CA ASN A 164 -19.82 11.57 -22.22
C ASN A 164 -18.70 11.08 -21.29
N ARG A 165 -17.65 11.89 -21.16
CA ARG A 165 -16.43 11.54 -20.42
C ARG A 165 -16.70 11.27 -18.94
N ARG A 166 -17.57 12.08 -18.36
CA ARG A 166 -17.95 11.96 -16.96
C ARG A 166 -19.45 11.64 -16.87
N GLY A 167 -19.83 10.48 -17.39
CA GLY A 167 -21.21 10.02 -17.35
C GLY A 167 -21.31 8.64 -16.71
N GLY A 168 -22.45 7.98 -16.89
CA GLY A 168 -22.74 6.72 -16.24
C GLY A 168 -21.73 5.60 -16.41
N GLY A 169 -20.91 5.67 -17.46
CA GLY A 169 -19.90 4.65 -17.73
C GLY A 169 -18.58 4.86 -17.01
N THR A 170 -18.35 6.08 -16.53
CA THR A 170 -17.07 6.45 -15.93
C THR A 170 -16.74 5.71 -14.65
N PRO A 171 -17.71 5.57 -13.70
CA PRO A 171 -17.44 4.78 -12.48
C PRO A 171 -16.91 3.36 -12.72
N PHE A 172 -17.26 2.74 -13.85
CA PHE A 172 -16.75 1.40 -14.15
C PHE A 172 -15.24 1.41 -14.40
N PHE A 173 -14.77 2.49 -15.00
CA PHE A 173 -13.34 2.71 -15.24
C PHE A 173 -12.66 3.11 -13.94
N ARG A 174 -13.34 3.94 -13.15
CA ARG A 174 -12.81 4.38 -11.86
C ARG A 174 -12.64 3.24 -10.87
N ASN A 175 -13.52 2.24 -10.92
CA ASN A 175 -13.42 1.06 -10.07
C ASN A 175 -12.24 0.17 -10.46
N SER A 176 -11.99 0.06 -11.76
CA SER A 176 -10.81 -0.65 -12.24
C SER A 176 -9.55 0.06 -11.82
N GLU A 177 -9.56 1.39 -11.87
CA GLU A 177 -8.43 2.19 -11.41
C GLU A 177 -8.15 1.98 -9.92
N LEU A 178 -9.20 2.07 -9.09
CA LEU A 178 -9.09 1.76 -7.66
C LEU A 178 -8.45 0.41 -7.44
N ASN A 179 -8.97 -0.62 -8.12
CA ASN A 179 -8.43 -1.97 -8.01
C ASN A 179 -6.94 -2.02 -8.38
N GLN A 180 -6.59 -1.40 -9.51
CA GLN A 180 -5.19 -1.34 -9.95
C GLN A 180 -4.26 -0.55 -9.03
N LEU A 181 -4.80 0.45 -8.32
CA LEU A 181 -4.05 1.16 -7.29
C LEU A 181 -4.01 0.41 -5.95
N GLY A 182 -4.63 -0.77 -5.91
CA GLY A 182 -4.62 -1.60 -4.70
C GLY A 182 -5.72 -1.20 -3.71
N ILE A 183 -6.74 -0.50 -4.20
CA ILE A 183 -7.85 -0.08 -3.35
C ILE A 183 -9.07 -0.97 -3.61
N PRO A 184 -9.46 -1.79 -2.61
CA PRO A 184 -10.54 -2.76 -2.80
C PRO A 184 -11.91 -2.08 -2.89
N VAL A 185 -12.79 -2.67 -3.70
CA VAL A 185 -14.17 -2.21 -3.84
C VAL A 185 -15.11 -3.39 -3.53
N ILE A 186 -16.05 -3.20 -2.61
CA ILE A 186 -16.95 -4.27 -2.19
C ILE A 186 -18.39 -3.88 -2.47
N VAL A 187 -19.13 -4.77 -3.14
CA VAL A 187 -20.53 -4.51 -3.46
C VAL A 187 -21.52 -5.48 -2.80
N GLY A 188 -22.56 -4.89 -2.20
CA GLY A 188 -23.75 -5.62 -1.81
C GLY A 188 -24.78 -5.44 -2.90
N ILE A 189 -25.14 -6.53 -3.57
CA ILE A 189 -26.08 -6.50 -4.70
C ILE A 189 -27.54 -6.79 -4.28
N TYR A 190 -28.41 -5.78 -4.38
CA TYR A 190 -29.82 -5.89 -4.02
C TYR A 190 -30.73 -5.66 -5.23
N GLY A 191 -31.87 -6.34 -5.27
CA GLY A 191 -32.89 -6.11 -6.29
C GLY A 191 -32.39 -6.35 -7.71
N THR A 192 -32.91 -5.57 -8.65
CA THR A 192 -32.60 -5.74 -10.06
C THR A 192 -31.54 -4.74 -10.57
N ASN A 193 -30.46 -5.28 -11.14
CA ASN A 193 -29.35 -4.47 -11.63
C ASN A 193 -29.03 -4.80 -13.08
N PRO A 194 -29.78 -4.21 -14.02
CA PRO A 194 -29.56 -4.47 -15.43
C PRO A 194 -28.70 -3.40 -16.08
N ALA A 195 -27.92 -3.82 -17.08
CA ALA A 195 -27.14 -2.91 -17.92
C ALA A 195 -26.23 -2.00 -17.09
N GLY A 196 -26.59 -0.72 -16.96
CA GLY A 196 -25.86 0.21 -16.12
C GLY A 196 -25.63 -0.28 -14.70
N GLY A 197 -26.67 -0.83 -14.08
CA GLY A 197 -26.58 -1.39 -12.74
C GLY A 197 -25.82 -2.70 -12.74
N GLY A 198 -25.82 -3.38 -13.89
CA GLY A 198 -25.05 -4.61 -14.05
C GLY A 198 -23.55 -4.37 -13.99
N TYR A 199 -23.11 -3.22 -14.50
CA TYR A 199 -21.68 -2.89 -14.48
C TYR A 199 -21.23 -2.31 -13.14
N HIS A 200 -22.14 -1.65 -12.45
CA HIS A 200 -21.93 -1.33 -11.05
C HIS A 200 -21.76 -2.59 -10.21
N SER A 201 -22.48 -3.65 -10.57
CA SER A 201 -22.39 -4.94 -9.87
C SER A 201 -21.06 -5.65 -10.14
N ILE A 202 -20.61 -5.63 -11.39
CA ILE A 202 -19.49 -6.46 -11.81
C ILE A 202 -18.11 -5.81 -11.68
N SER A 203 -18.08 -4.48 -11.61
CA SER A 203 -16.83 -3.73 -11.57
C SER A 203 -16.03 -3.83 -10.25
N PRO A 204 -16.71 -3.92 -9.08
CA PRO A 204 -16.05 -4.13 -7.78
C PRO A 204 -15.19 -5.39 -7.64
N THR A 205 -14.42 -5.44 -6.57
CA THR A 205 -13.52 -6.55 -6.27
C THR A 205 -14.31 -7.75 -5.76
N ILE A 206 -15.26 -7.47 -4.87
CA ILE A 206 -16.02 -8.49 -4.15
C ILE A 206 -17.53 -8.29 -4.34
N LEU A 207 -18.20 -9.36 -4.77
CA LEU A 207 -19.65 -9.34 -4.98
C LEU A 207 -20.42 -10.20 -3.97
N ILE A 208 -21.27 -9.55 -3.18
CA ILE A 208 -22.16 -10.23 -2.23
C ILE A 208 -23.60 -9.99 -2.68
N ALA A 209 -24.35 -11.06 -2.92
CA ALA A 209 -25.72 -10.94 -3.45
C ALA A 209 -26.86 -11.33 -2.49
N HIS A 210 -27.94 -10.56 -2.54
CA HIS A 210 -29.22 -10.95 -1.98
C HIS A 210 -29.77 -12.08 -2.83
N GLN A 211 -30.45 -13.05 -2.21
CA GLN A 211 -30.91 -14.26 -2.92
C GLN A 211 -31.89 -13.99 -4.08
N ASP A 212 -32.61 -12.87 -4.01
CA ASP A 212 -33.55 -12.47 -5.07
C ASP A 212 -32.95 -11.45 -6.04
N ALA A 213 -31.68 -11.12 -5.87
CA ALA A 213 -31.05 -10.06 -6.65
C ALA A 213 -30.59 -10.58 -8.00
N ASN A 214 -30.37 -9.66 -8.94
CA ASN A 214 -29.78 -10.00 -10.22
C ASN A 214 -28.79 -8.93 -10.72
N MET A 215 -27.88 -9.34 -11.60
CA MET A 215 -27.05 -8.44 -12.37
C MET A 215 -26.96 -8.95 -13.82
N ALA A 216 -27.13 -8.05 -14.79
CA ALA A 216 -27.23 -8.46 -16.18
C ALA A 216 -26.75 -7.39 -17.17
N VAL A 217 -26.27 -7.85 -18.33
CA VAL A 217 -25.96 -6.98 -19.46
C VAL A 217 -27.21 -6.23 -19.90
N GLY A 218 -28.35 -6.92 -19.88
CA GLY A 218 -29.64 -6.33 -20.22
C GLY A 218 -30.76 -7.02 -19.47
N GLY A 219 -31.77 -6.23 -19.10
CA GLY A 219 -32.93 -6.75 -18.34
C GLY A 219 -33.91 -7.56 -19.18
N ALA A 220 -35.04 -7.91 -18.57
CA ALA A 220 -36.06 -8.77 -19.20
C ALA A 220 -36.79 -8.09 -20.38
N ALA A 236 -50.54 -1.10 -33.61
CA ALA A 236 -49.20 -1.15 -33.04
C ALA A 236 -49.21 -1.26 -31.52
N ALA A 237 -49.98 -0.37 -30.88
CA ALA A 237 -50.05 -0.28 -29.41
C ALA A 237 -50.54 -1.57 -28.72
N GLU A 238 -51.55 -2.22 -29.30
CA GLU A 238 -52.12 -3.46 -28.73
C GLU A 238 -51.15 -4.64 -28.82
N GLN A 239 -50.41 -4.71 -29.92
CA GLN A 239 -49.43 -5.77 -30.21
C GLN A 239 -48.45 -6.02 -29.04
N ILE A 240 -47.97 -4.93 -28.44
CA ILE A 240 -47.01 -4.95 -27.33
C ILE A 240 -47.53 -5.65 -26.07
N ILE A 241 -48.80 -5.37 -25.72
CA ILE A 241 -49.42 -5.93 -24.50
C ILE A 241 -49.69 -7.43 -24.63
N ALA A 242 -49.83 -7.90 -25.87
CA ALA A 242 -49.97 -9.34 -26.16
C ALA A 242 -48.65 -10.07 -25.87
N ALA A 243 -47.56 -9.56 -26.43
CA ALA A 243 -46.21 -10.10 -26.20
C ALA A 243 -45.81 -10.04 -24.73
N GLN A 244 -46.18 -8.94 -24.06
CA GLN A 244 -45.89 -8.72 -22.63
C GLN A 244 -46.60 -9.72 -21.71
N ILE A 245 -47.88 -9.94 -21.94
CA ILE A 245 -48.68 -10.86 -21.13
C ILE A 245 -48.35 -12.34 -21.44
N GLU A 246 -47.93 -12.59 -22.68
CA GLU A 246 -47.45 -13.92 -23.09
C GLU A 246 -46.11 -14.24 -22.42
N ASN A 247 -45.22 -13.24 -22.34
CA ASN A 247 -43.94 -13.38 -21.66
C ASN A 247 -44.06 -13.45 -20.15
N SER A 248 -45.09 -12.79 -19.62
CA SER A 248 -45.36 -12.81 -18.19
C SER A 248 -45.90 -14.17 -17.74
N LYS A 249 -46.75 -14.77 -18.58
CA LYS A 249 -47.24 -16.14 -18.35
C LYS A 249 -46.16 -17.18 -18.67
N LEU A 250 -45.23 -16.81 -19.57
CA LEU A 250 -44.04 -17.63 -19.90
C LEU A 250 -43.16 -17.85 -18.66
N LYS A 251 -43.14 -16.87 -17.76
CA LYS A 251 -42.42 -16.93 -16.47
C LYS A 251 -40.90 -17.17 -16.61
N VAL A 252 -40.31 -16.47 -17.58
CA VAL A 252 -38.85 -16.46 -17.76
C VAL A 252 -38.20 -15.61 -16.64
N PRO A 253 -37.21 -16.20 -15.92
CA PRO A 253 -36.60 -15.47 -14.80
C PRO A 253 -35.81 -14.25 -15.27
N ALA A 254 -35.80 -13.20 -14.45
CA ALA A 254 -35.00 -12.00 -14.72
C ALA A 254 -33.56 -12.41 -14.93
N PRO A 255 -32.94 -11.95 -16.05
CA PRO A 255 -31.59 -12.39 -16.43
C PRO A 255 -30.54 -12.13 -15.35
N GLY A 256 -29.57 -13.05 -15.26
CA GLY A 256 -28.48 -12.96 -14.29
C GLY A 256 -28.86 -13.05 -12.82
N SER A 257 -29.90 -13.83 -12.52
CA SER A 257 -30.30 -14.10 -11.14
C SER A 257 -29.32 -15.06 -10.47
N VAL A 258 -29.52 -15.31 -9.18
CA VAL A 258 -28.63 -16.20 -8.40
C VAL A 258 -28.34 -17.56 -9.06
N PRO A 259 -29.37 -18.27 -9.59
CA PRO A 259 -29.03 -19.56 -10.23
C PRO A 259 -28.03 -19.43 -11.39
N ILE A 260 -27.90 -18.22 -11.95
CA ILE A 260 -26.93 -17.93 -13.01
C ILE A 260 -25.59 -17.46 -12.43
N HIS A 261 -25.61 -16.34 -11.71
CA HIS A 261 -24.35 -15.71 -11.32
C HIS A 261 -23.67 -16.28 -10.08
N TYR A 262 -24.37 -17.16 -9.37
CA TYR A 262 -23.75 -17.94 -8.33
C TYR A 262 -23.47 -19.35 -8.85
N ASP A 263 -24.52 -20.06 -9.26
CA ASP A 263 -24.40 -21.46 -9.68
C ASP A 263 -23.57 -21.69 -10.95
N GLU A 264 -23.71 -20.80 -11.94
CA GLU A 264 -23.00 -20.98 -13.23
C GLU A 264 -21.67 -20.21 -13.33
N THR A 265 -21.73 -18.88 -13.29
CA THR A 265 -20.54 -18.06 -13.51
C THR A 265 -19.65 -17.93 -12.28
N GLY A 266 -20.27 -18.00 -11.09
CA GLY A 266 -19.53 -17.80 -9.85
C GLY A 266 -18.99 -16.40 -9.71
N PHE A 267 -19.71 -15.42 -10.27
CA PHE A 267 -19.37 -14.01 -10.12
C PHE A 267 -19.90 -13.49 -8.79
N PHE A 268 -21.08 -13.95 -8.36
CA PHE A 268 -21.51 -13.76 -6.98
C PHE A 268 -20.61 -14.66 -6.12
N ARG A 269 -19.88 -14.05 -5.19
CA ARG A 269 -19.00 -14.81 -4.32
C ARG A 269 -19.80 -15.48 -3.19
N GLU A 270 -20.78 -14.76 -2.67
CA GLU A 270 -21.62 -15.25 -1.58
C GLU A 270 -23.07 -14.78 -1.78
N VAL A 271 -24.01 -15.60 -1.29
CA VAL A 271 -25.44 -15.27 -1.34
C VAL A 271 -26.08 -15.33 0.05
N TYR A 272 -26.83 -14.29 0.40
CA TYR A 272 -27.48 -14.20 1.69
C TYR A 272 -28.99 -14.08 1.53
N GLN A 273 -29.72 -14.56 2.54
CA GLN A 273 -31.17 -14.64 2.46
C GLN A 273 -31.85 -13.27 2.48
N ASN A 274 -31.32 -12.35 3.27
CA ASN A 274 -31.91 -11.01 3.38
C ASN A 274 -30.89 -9.87 3.40
N ASP A 275 -31.41 -8.64 3.42
CA ASP A 275 -30.60 -7.42 3.41
C ASP A 275 -29.53 -7.36 4.50
N LEU A 276 -29.88 -7.81 5.71
CA LEU A 276 -28.93 -7.78 6.84
C LEU A 276 -27.85 -8.84 6.68
N GLY A 277 -28.19 -9.95 6.03
CA GLY A 277 -27.22 -10.99 5.71
C GLY A 277 -26.16 -10.47 4.76
N VAL A 278 -26.62 -9.77 3.71
CA VAL A 278 -25.74 -9.09 2.76
C VAL A 278 -24.74 -8.17 3.50
N ILE A 279 -25.27 -7.34 4.40
CA ILE A 279 -24.46 -6.46 5.23
C ILE A 279 -23.40 -7.23 6.03
N ASP A 280 -23.80 -8.36 6.64
CA ASP A 280 -22.86 -9.21 7.39
C ASP A 280 -21.73 -9.70 6.50
N GLY A 281 -22.08 -10.09 5.28
CA GLY A 281 -21.09 -10.49 4.28
C GLY A 281 -20.10 -9.37 3.98
N ILE A 282 -20.64 -8.16 3.78
CA ILE A 282 -19.81 -6.96 3.57
C ILE A 282 -18.90 -6.72 4.78
N LYS A 283 -19.47 -6.72 5.98
CA LYS A 283 -18.69 -6.59 7.22
C LYS A 283 -17.55 -7.60 7.29
N LYS A 284 -17.81 -8.83 6.85
CA LYS A 284 -16.81 -9.86 6.92
C LYS A 284 -15.63 -9.52 6.02
N TYR A 285 -15.93 -9.12 4.77
CA TYR A 285 -14.89 -8.77 3.81
C TYR A 285 -14.16 -7.48 4.20
N ILE A 286 -14.89 -6.51 4.76
CA ILE A 286 -14.24 -5.34 5.35
C ILE A 286 -13.25 -5.73 6.44
N SER A 287 -13.59 -6.74 7.26
CA SER A 287 -12.70 -7.19 8.32
C SER A 287 -11.42 -7.82 7.77
N TYR A 288 -11.48 -8.31 6.53
CA TYR A 288 -10.30 -8.85 5.84
C TYR A 288 -9.30 -7.77 5.38
N LEU A 289 -9.76 -6.52 5.28
CA LEU A 289 -9.00 -5.45 4.63
C LEU A 289 -7.83 -4.93 5.47
N PRO A 290 -6.72 -4.55 4.80
CA PRO A 290 -5.56 -4.02 5.51
C PRO A 290 -5.84 -2.64 6.09
N ALA A 291 -5.49 -2.45 7.35
CA ALA A 291 -5.64 -1.18 8.02
C ALA A 291 -4.70 -1.17 9.20
N TYR A 292 -4.03 -0.04 9.41
CA TYR A 292 -3.21 0.16 10.59
C TYR A 292 -4.07 0.23 11.82
N ASN A 293 -3.52 -0.23 12.95
CA ASN A 293 -3.97 0.21 14.24
C ASN A 293 -3.41 1.63 14.38
N LEU A 294 -4.32 2.61 14.48
CA LEU A 294 -3.94 4.02 14.42
C LEU A 294 -2.90 4.43 15.46
N GLU A 295 -2.79 3.62 16.52
CA GLU A 295 -1.79 3.79 17.56
C GLU A 295 -0.37 3.94 16.99
N PHE A 296 -0.07 3.14 15.96
CA PHE A 296 1.22 3.18 15.25
C PHE A 296 1.63 4.61 14.85
N PHE A 297 0.68 5.41 14.37
CA PHE A 297 0.98 6.80 13.94
C PHE A 297 0.70 7.88 14.98
N ARG A 298 0.28 7.52 16.19
CA ARG A 298 -0.03 8.52 17.21
C ARG A 298 1.23 9.12 17.84
N VAL A 299 1.14 10.38 18.23
CA VAL A 299 2.22 11.04 18.98
C VAL A 299 1.77 11.36 20.42
N ASP A 300 0.49 11.13 20.68
CA ASP A 300 -0.09 11.30 22.00
C ASP A 300 -1.37 10.46 22.03
N THR A 301 -1.86 10.16 23.22
CA THR A 301 -3.13 9.46 23.37
C THR A 301 -4.26 10.43 22.97
N PRO A 302 -5.33 9.94 22.33
CA PRO A 302 -6.43 10.83 21.92
C PRO A 302 -7.02 11.64 23.08
N LYS A 303 -7.14 12.95 22.90
CA LYS A 303 -7.67 13.84 23.95
C LYS A 303 -8.67 14.83 23.37
N ALA A 304 -9.81 14.99 24.03
CA ALA A 304 -10.80 15.98 23.63
C ALA A 304 -10.22 17.40 23.69
N PRO A 305 -10.75 18.36 22.89
CA PRO A 305 -10.35 19.75 23.09
C PRO A 305 -10.73 20.20 24.50
N GLN A 306 -10.07 21.24 25.01
CA GLN A 306 -10.33 21.71 26.38
C GLN A 306 -11.43 22.76 26.45
N LEU A 307 -11.94 23.19 25.31
CA LEU A 307 -13.05 24.13 25.27
C LEU A 307 -14.20 23.53 24.45
N PRO A 308 -15.46 23.76 24.87
CA PRO A 308 -16.60 23.15 24.18
C PRO A 308 -16.85 23.72 22.78
N ALA A 309 -17.24 22.83 21.87
CA ALA A 309 -17.50 23.20 20.48
C ALA A 309 -18.74 24.08 20.31
N GLU A 310 -19.66 24.02 21.26
CA GLU A 310 -20.92 24.80 21.15
C GLU A 310 -20.68 26.31 21.25
N ASP A 311 -19.56 26.71 21.87
CA ASP A 311 -19.13 28.11 21.90
C ASP A 311 -18.99 28.70 20.50
N LEU A 312 -18.70 27.83 19.53
CA LEU A 312 -18.54 28.25 18.13
C LEU A 312 -19.79 28.96 17.57
N TYR A 313 -20.94 28.67 18.17
CA TYR A 313 -22.19 29.35 17.84
C TYR A 313 -22.17 30.84 18.24
N SER A 314 -21.29 31.18 19.19
CA SER A 314 -21.05 32.57 19.58
C SER A 314 -19.85 33.17 18.84
N ILE A 315 -18.76 32.39 18.75
CA ILE A 315 -17.46 32.85 18.23
C ILE A 315 -17.48 33.26 16.75
N ILE A 316 -18.07 32.41 15.91
CA ILE A 316 -18.11 32.67 14.47
C ILE A 316 -19.33 33.54 14.12
N PRO A 317 -19.09 34.83 13.78
CA PRO A 317 -20.20 35.75 13.54
C PRO A 317 -20.85 35.60 12.18
N MET A 318 -22.18 35.50 12.17
CA MET A 318 -23.00 35.53 10.96
C MET A 318 -22.97 36.89 10.30
N ASN A 319 -22.67 37.93 11.09
CA ASN A 319 -22.45 39.26 10.57
C ASN A 319 -21.11 39.23 9.85
N GLN A 320 -21.17 39.21 8.52
CA GLN A 320 -19.99 38.98 7.69
C GLN A 320 -18.96 40.11 7.74
N LYS A 321 -19.31 41.21 8.41
CA LYS A 321 -18.38 42.33 8.58
C LYS A 321 -17.59 42.27 9.88
N ARG A 322 -17.96 41.33 10.77
CA ARG A 322 -17.29 41.21 12.07
C ARG A 322 -16.09 40.26 12.04
N PRO A 323 -14.94 40.73 12.54
CA PRO A 323 -13.82 39.82 12.75
C PRO A 323 -14.10 38.88 13.91
N TYR A 324 -13.20 37.92 14.14
CA TYR A 324 -13.25 37.01 15.28
C TYR A 324 -11.86 36.42 15.42
N ASP A 325 -11.57 35.75 16.53
CA ASP A 325 -10.26 35.17 16.74
C ASP A 325 -10.22 33.70 16.28
N ILE A 326 -9.45 33.45 15.22
CA ILE A 326 -9.36 32.11 14.63
C ILE A 326 -8.82 31.06 15.61
N TYR A 327 -7.97 31.49 16.53
CA TYR A 327 -7.42 30.60 17.56
C TYR A 327 -8.50 29.97 18.42
N GLU A 328 -9.58 30.71 18.65
CA GLU A 328 -10.75 30.19 19.37
C GLU A 328 -11.41 29.02 18.64
N VAL A 329 -11.39 29.07 17.30
CA VAL A 329 -11.90 27.98 16.47
C VAL A 329 -10.95 26.77 16.56
N ILE A 330 -9.67 27.01 16.31
CA ILE A 330 -8.66 25.95 16.35
C ILE A 330 -8.60 25.25 17.71
N ALA A 331 -8.77 26.02 18.79
CA ALA A 331 -8.74 25.50 20.17
C ALA A 331 -9.86 24.50 20.43
N ARG A 332 -10.96 24.64 19.69
CA ARG A 332 -12.15 23.81 19.89
C ARG A 332 -12.24 22.61 18.93
N LEU A 333 -11.35 22.56 17.95
CA LEU A 333 -11.37 21.49 16.95
C LEU A 333 -10.29 20.43 17.13
N PHE A 334 -9.20 20.79 17.81
CA PHE A 334 -8.04 19.91 17.87
C PHE A 334 -7.70 19.42 19.27
N ASP A 335 -7.18 18.20 19.33
CA ASP A 335 -6.89 17.53 20.58
C ASP A 335 -6.27 18.46 21.62
N ASN A 336 -6.91 18.47 22.81
CA ASN A 336 -6.42 19.13 24.01
C ASN A 336 -6.17 20.63 23.85
N SER A 337 -6.78 21.23 22.84
CA SER A 337 -6.59 22.66 22.53
C SER A 337 -5.12 23.02 22.31
N GLU A 338 -4.32 22.03 21.92
CA GLU A 338 -2.90 22.23 21.65
C GLU A 338 -2.63 22.65 20.21
N PHE A 339 -1.61 23.50 20.05
CA PHE A 339 -1.19 24.00 18.75
C PHE A 339 0.29 24.34 18.77
N SER A 340 1.00 23.90 17.73
CA SER A 340 2.43 24.16 17.59
C SER A 340 2.65 24.99 16.33
N GLU A 341 2.60 26.31 16.47
CA GLU A 341 2.58 27.22 15.32
C GLU A 341 3.92 27.34 14.60
N TYR A 342 3.86 27.22 13.28
CA TYR A 342 5.04 27.41 12.44
C TYR A 342 5.17 28.89 12.05
N LYS A 343 6.30 29.48 12.44
CA LYS A 343 6.65 30.86 12.09
C LYS A 343 5.62 31.93 12.51
N LYS A 344 5.17 31.86 13.76
CA LYS A 344 4.33 32.90 14.35
C LYS A 344 5.06 34.23 14.30
N GLY A 345 4.36 35.26 13.83
CA GLY A 345 4.93 36.60 13.73
C GLY A 345 5.27 36.96 12.30
N TYR A 346 5.69 35.95 11.55
CA TYR A 346 5.97 36.08 10.13
C TYR A 346 4.72 35.70 9.33
N GLY A 347 4.27 36.59 8.46
CA GLY A 347 3.02 36.39 7.71
C GLY A 347 1.78 36.33 8.59
N PRO A 348 1.51 37.41 9.35
CA PRO A 348 0.44 37.46 10.38
C PRO A 348 -0.99 37.30 9.86
N GLU A 349 -1.19 37.33 8.55
CA GLU A 349 -2.53 37.17 7.97
C GLU A 349 -2.99 35.70 7.96
N MET A 350 -2.07 34.79 8.28
CA MET A 350 -2.36 33.35 8.28
C MET A 350 -1.81 32.70 9.53
N VAL A 351 -2.49 31.66 9.98
CA VAL A 351 -1.97 30.75 10.99
C VAL A 351 -1.62 29.43 10.30
N THR A 352 -0.36 29.00 10.48
CA THR A 352 0.10 27.72 9.98
C THR A 352 0.79 26.99 11.12
N GLY A 353 0.39 25.74 11.36
CA GLY A 353 0.99 24.98 12.45
C GLY A 353 0.52 23.55 12.57
N LEU A 354 1.22 22.80 13.42
CA LEU A 354 0.91 21.41 13.68
C LEU A 354 -0.11 21.25 14.82
N ALA A 355 -1.06 20.33 14.65
CA ALA A 355 -2.04 20.00 15.67
C ALA A 355 -2.26 18.49 15.72
N LYS A 356 -3.06 18.02 16.68
CA LYS A 356 -3.36 16.59 16.80
C LYS A 356 -4.85 16.30 16.68
N VAL A 357 -5.16 15.17 16.05
CA VAL A 357 -6.53 14.71 15.87
C VAL A 357 -6.54 13.25 16.27
N ASN A 358 -7.19 12.96 17.40
CA ASN A 358 -7.14 11.63 18.03
C ASN A 358 -5.71 11.10 18.10
N GLY A 359 -4.81 11.97 18.57
CA GLY A 359 -3.39 11.64 18.71
C GLY A 359 -2.52 11.73 17.46
N LEU A 360 -3.14 11.99 16.31
CA LEU A 360 -2.48 11.95 15.02
C LEU A 360 -2.14 13.36 14.51
N LEU A 361 -0.94 13.53 13.96
CA LEU A 361 -0.50 14.83 13.46
C LEU A 361 -1.20 15.26 12.19
N VAL A 362 -1.64 16.52 12.17
CA VAL A 362 -2.12 17.18 10.96
C VAL A 362 -1.52 18.57 10.94
N GLY A 363 -1.39 19.13 9.73
CA GLY A 363 -0.98 20.52 9.56
C GLY A 363 -2.23 21.36 9.32
N VAL A 364 -2.34 22.46 10.05
CA VAL A 364 -3.52 23.32 9.98
C VAL A 364 -3.13 24.66 9.40
N ILE A 365 -3.87 25.08 8.38
CA ILE A 365 -3.64 26.37 7.73
C ILE A 365 -4.95 27.15 7.74
N ALA A 366 -4.95 28.34 8.34
CA ALA A 366 -6.18 29.09 8.59
C ALA A 366 -5.98 30.60 8.56
N ASN A 367 -6.97 31.31 8.03
CA ASN A 367 -6.96 32.77 7.98
C ASN A 367 -7.02 33.43 9.35
N VAL A 368 -6.30 34.55 9.50
CA VAL A 368 -6.45 35.42 10.66
C VAL A 368 -7.40 36.56 10.26
N GLN A 369 -8.31 36.93 11.15
CA GLN A 369 -9.23 38.04 10.89
C GLN A 369 -8.84 39.29 11.67
N GLY A 370 -9.41 40.44 11.29
CA GLY A 370 -9.17 41.69 11.98
C GLY A 370 -8.11 42.56 11.34
N LEU A 371 -7.78 43.68 11.98
CA LEU A 371 -6.80 44.62 11.44
C LEU A 371 -5.37 44.15 11.72
N LEU A 372 -4.49 44.30 10.73
CA LEU A 372 -3.10 43.94 10.89
C LEU A 372 -2.26 45.20 10.89
N MET A 373 -1.75 45.57 12.08
CA MET A 373 -1.03 46.83 12.26
C MET A 373 0.29 46.84 11.51
N ASN A 374 0.57 47.96 10.84
CA ASN A 374 1.84 48.17 10.17
C ASN A 374 2.19 46.99 9.24
N TYR A 375 1.33 46.79 8.24
CA TYR A 375 1.40 45.62 7.37
C TYR A 375 0.55 45.87 6.12
N PRO A 376 0.97 45.33 4.96
CA PRO A 376 2.17 44.51 4.69
C PRO A 376 3.48 45.31 4.64
N GLU A 377 4.61 44.62 4.78
CA GLU A 377 5.93 45.26 4.80
C GLU A 377 6.32 46.01 3.53
N TYR A 378 5.67 45.70 2.40
CA TYR A 378 5.99 46.34 1.12
C TYR A 378 5.22 47.63 0.89
N LYS A 379 4.49 48.09 1.89
CA LYS A 379 3.77 49.33 1.80
C LYS A 379 4.12 50.27 2.92
N GLN A 380 3.81 51.52 2.73
CA GLN A 380 4.18 52.57 3.67
C GLN A 380 3.00 52.91 4.54
N ASN A 381 3.19 52.93 5.84
CA ASN A 381 2.10 53.26 6.71
C ASN A 381 0.81 52.55 6.36
N SER A 382 0.81 51.23 6.39
CA SER A 382 -0.36 50.47 5.99
C SER A 382 -0.99 49.69 7.12
N VAL A 383 -2.30 49.48 7.02
CA VAL A 383 -2.99 48.56 7.89
C VAL A 383 -3.51 47.41 7.02
N GLY A 384 -3.13 46.18 7.38
CA GLY A 384 -3.56 44.98 6.66
C GLY A 384 -4.95 44.49 7.04
N ILE A 385 -5.64 43.88 6.08
CA ILE A 385 -6.95 43.26 6.31
C ILE A 385 -6.79 41.74 6.51
N GLY A 386 -7.16 41.25 7.69
CA GLY A 386 -7.23 39.82 7.92
C GLY A 386 -8.21 39.19 6.94
N GLY A 387 -7.93 37.97 6.51
CA GLY A 387 -8.72 37.31 5.46
C GLY A 387 -8.16 37.56 4.07
N LYS A 388 -7.19 38.47 3.98
CA LYS A 388 -6.48 38.67 2.71
C LYS A 388 -5.13 37.99 2.77
N LEU A 389 -4.54 37.78 1.59
CA LEU A 389 -3.24 37.12 1.50
C LEU A 389 -2.17 38.09 1.00
N TYR A 390 -1.05 38.15 1.72
CA TYR A 390 0.07 39.02 1.36
C TYR A 390 1.34 38.21 1.07
N ARG A 391 2.48 38.89 0.95
CA ARG A 391 3.71 38.19 0.57
C ARG A 391 4.14 37.14 1.60
N GLN A 392 4.27 37.54 2.87
CA GLN A 392 4.78 36.64 3.90
C GLN A 392 3.85 35.45 4.20
N GLY A 393 2.54 35.69 4.12
CA GLY A 393 1.56 34.61 4.29
C GLY A 393 1.73 33.54 3.23
N LEU A 394 1.82 33.97 1.97
CA LEU A 394 1.94 33.05 0.85
C LEU A 394 3.25 32.27 0.89
N ILE A 395 4.33 32.94 1.29
CA ILE A 395 5.64 32.28 1.40
C ILE A 395 5.66 31.31 2.57
N LYS A 396 5.10 31.71 3.71
CA LYS A 396 4.98 30.81 4.88
C LYS A 396 4.17 29.55 4.56
N MET A 397 3.06 29.71 3.86
CA MET A 397 2.24 28.56 3.44
C MET A 397 3.00 27.65 2.48
N ASN A 398 3.62 28.24 1.46
CA ASN A 398 4.49 27.49 0.55
C ASN A 398 5.47 26.58 1.30
N GLU A 399 6.13 27.13 2.31
CA GLU A 399 7.11 26.40 3.09
C GLU A 399 6.44 25.34 3.94
N PHE A 400 5.36 25.71 4.62
CA PHE A 400 4.68 24.80 5.52
C PHE A 400 4.07 23.61 4.75
N VAL A 401 3.49 23.87 3.59
CA VAL A 401 2.96 22.80 2.74
C VAL A 401 4.09 21.85 2.34
N THR A 402 5.18 22.43 1.84
CA THR A 402 6.34 21.65 1.42
C THR A 402 6.91 20.82 2.58
N LEU A 403 6.99 21.42 3.75
CA LEU A 403 7.46 20.70 4.95
C LEU A 403 6.54 19.54 5.37
N CYS A 404 5.23 19.80 5.45
CA CYS A 404 4.26 18.77 5.78
C CYS A 404 4.25 17.64 4.75
N ALA A 405 4.39 18.00 3.48
CA ALA A 405 4.47 17.01 2.40
C ALA A 405 5.63 16.06 2.61
N ARG A 406 6.80 16.60 2.97
CA ARG A 406 7.99 15.79 3.19
C ARG A 406 7.77 14.86 4.37
N ASP A 407 7.03 15.37 5.35
CA ASP A 407 6.81 14.68 6.60
C ASP A 407 5.62 13.74 6.55
N ARG A 408 4.94 13.70 5.39
CA ARG A 408 3.72 12.89 5.20
C ARG A 408 2.62 13.25 6.21
N ILE A 409 2.51 14.55 6.50
CA ILE A 409 1.51 15.07 7.42
C ILE A 409 0.37 15.71 6.61
N PRO A 410 -0.85 15.14 6.69
CA PRO A 410 -1.98 15.67 5.93
C PRO A 410 -2.32 17.09 6.35
N LEU A 411 -2.86 17.88 5.42
CA LEU A 411 -3.22 19.26 5.67
C LEU A 411 -4.73 19.48 5.74
N ILE A 412 -5.13 20.25 6.74
CA ILE A 412 -6.51 20.70 6.87
C ILE A 412 -6.53 22.23 6.71
N TRP A 413 -7.30 22.69 5.74
CA TRP A 413 -7.40 24.11 5.45
C TRP A 413 -8.69 24.69 6.00
N LEU A 414 -8.57 25.74 6.81
CA LEU A 414 -9.74 26.47 7.30
C LEU A 414 -9.85 27.79 6.57
N GLN A 415 -10.81 27.87 5.64
CA GLN A 415 -10.95 29.06 4.80
C GLN A 415 -11.94 30.08 5.33
N ASP A 416 -11.49 31.32 5.42
CA ASP A 416 -12.36 32.48 5.61
C ASP A 416 -11.60 33.63 5.00
N THR A 417 -11.85 33.89 3.73
CA THR A 417 -10.94 34.72 2.94
C THR A 417 -11.62 35.61 1.90
N THR A 418 -11.03 36.79 1.68
CA THR A 418 -11.58 37.75 0.73
C THR A 418 -10.60 38.03 -0.42
N GLY A 419 -9.52 37.26 -0.47
CA GLY A 419 -8.65 37.31 -1.62
C GLY A 419 -7.21 37.69 -1.36
N ILE A 420 -6.49 37.88 -2.45
CA ILE A 420 -5.09 38.26 -2.40
C ILE A 420 -5.02 39.77 -2.60
N ASP A 421 -4.05 40.41 -1.95
CA ASP A 421 -3.83 41.84 -2.09
C ASP A 421 -3.64 42.23 -3.55
N VAL A 422 -4.24 43.35 -3.95
CA VAL A 422 -4.22 43.81 -5.35
C VAL A 422 -3.43 45.11 -5.51
N GLY A 423 -3.11 45.48 -6.76
CA GLY A 423 -2.36 46.71 -7.04
C GLY A 423 -0.89 46.47 -7.34
N ASP A 424 -0.23 47.47 -7.93
CA ASP A 424 1.16 47.32 -8.40
C ASP A 424 2.21 47.17 -7.30
N GLU A 425 1.93 47.66 -6.10
CA GLU A 425 2.81 47.38 -4.97
C GLU A 425 2.76 45.89 -4.63
N ALA A 426 1.55 45.33 -4.61
CA ALA A 426 1.35 43.89 -4.44
C ALA A 426 1.98 43.10 -5.60
N GLU A 427 1.79 43.58 -6.83
CA GLU A 427 2.38 42.93 -8.00
C GLU A 427 3.88 42.84 -7.89
N LYS A 428 4.52 43.98 -7.61
CA LYS A 428 5.96 44.04 -7.37
C LYS A 428 6.42 43.11 -6.24
N ALA A 429 5.53 42.88 -5.28
CA ALA A 429 5.80 41.98 -4.16
C ALA A 429 5.65 40.48 -4.54
N GLU A 430 5.27 40.24 -5.81
CA GLU A 430 5.25 38.89 -6.44
C GLU A 430 3.99 38.09 -6.16
N LEU A 431 2.97 38.74 -5.61
CA LEU A 431 1.79 38.05 -5.12
C LEU A 431 1.17 37.10 -6.15
N LEU A 432 1.13 37.50 -7.41
CA LEU A 432 0.58 36.65 -8.47
C LEU A 432 1.38 35.35 -8.59
N GLY A 433 2.71 35.47 -8.54
CA GLY A 433 3.59 34.33 -8.63
C GLY A 433 3.62 33.51 -7.37
N LEU A 434 3.48 34.17 -6.23
CA LEU A 434 3.50 33.49 -4.94
C LEU A 434 2.22 32.68 -4.72
N GLY A 435 1.10 33.20 -5.20
CA GLY A 435 -0.16 32.50 -5.18
C GLY A 435 -0.08 31.21 -5.99
N GLN A 436 0.47 31.31 -7.20
CA GLN A 436 0.61 30.14 -8.07
C GLN A 436 1.65 29.15 -7.52
N SER A 437 2.67 29.68 -6.84
CA SER A 437 3.67 28.83 -6.20
C SER A 437 3.02 27.95 -5.14
N LEU A 438 2.01 28.50 -4.47
CA LEU A 438 1.25 27.73 -3.50
C LEU A 438 0.49 26.58 -4.17
N ILE A 439 -0.16 26.87 -5.29
CA ILE A 439 -0.84 25.87 -6.09
C ILE A 439 0.15 24.76 -6.50
N TYR A 440 1.30 25.16 -7.04
CA TYR A 440 2.39 24.23 -7.36
C TYR A 440 2.78 23.40 -6.12
N SER A 441 2.91 24.05 -4.97
CA SER A 441 3.32 23.38 -3.72
C SER A 441 2.33 22.33 -3.26
N ILE A 442 1.04 22.66 -3.35
CA ILE A 442 -0.04 21.74 -3.01
C ILE A 442 -0.03 20.53 -3.97
N GLU A 443 0.04 20.80 -5.26
CA GLU A 443 0.03 19.76 -6.27
C GLU A 443 1.24 18.83 -6.07
N ASN A 444 2.35 19.40 -5.61
CA ASN A 444 3.56 18.64 -5.32
C ASN A 444 3.46 17.77 -4.06
N SER A 445 2.56 18.12 -3.14
CA SER A 445 2.49 17.45 -1.83
C SER A 445 2.03 15.99 -1.93
N LYS A 446 1.15 15.72 -2.90
CA LYS A 446 0.64 14.37 -3.17
C LYS A 446 0.10 13.63 -1.94
N LEU A 447 -0.68 14.35 -1.12
CA LEU A 447 -1.30 13.80 0.07
C LEU A 447 -2.77 14.20 0.12
N PRO A 448 -3.63 13.36 0.71
CA PRO A 448 -5.02 13.75 0.90
C PRO A 448 -5.13 14.96 1.82
N SER A 449 -6.05 15.86 1.50
CA SER A 449 -6.23 17.10 2.25
C SER A 449 -7.72 17.40 2.40
N LEU A 450 -8.06 18.03 3.51
CA LEU A 450 -9.43 18.46 3.77
C LEU A 450 -9.52 19.97 3.74
N GLU A 451 -10.61 20.48 3.14
CA GLU A 451 -10.87 21.92 3.17
C GLU A 451 -12.21 22.25 3.83
N ILE A 452 -12.16 23.13 4.82
CA ILE A 452 -13.33 23.52 5.61
C ILE A 452 -13.56 25.02 5.44
N THR A 453 -14.70 25.39 4.85
CA THR A 453 -15.02 26.80 4.69
C THR A 453 -15.73 27.33 5.95
N ILE A 454 -15.00 28.11 6.74
CA ILE A 454 -15.54 28.70 7.98
C ILE A 454 -16.60 29.77 7.66
N ARG A 455 -16.23 30.74 6.83
CA ARG A 455 -17.18 31.71 6.34
C ARG A 455 -16.98 31.96 4.85
N LYS A 456 -16.10 32.90 4.53
CA LYS A 456 -15.94 33.34 3.14
C LYS A 456 -14.97 32.46 2.34
N ALA A 457 -15.50 31.89 1.27
CA ALA A 457 -14.70 31.33 0.20
C ALA A 457 -14.90 32.23 -1.02
N SER A 458 -13.89 33.03 -1.35
CA SER A 458 -13.99 34.00 -2.45
C SER A 458 -12.64 34.29 -3.10
N ALA A 459 -12.68 34.89 -4.29
CA ALA A 459 -11.49 35.28 -5.07
C ALA A 459 -10.53 34.12 -5.34
N ALA A 460 -9.29 34.45 -5.71
CA ALA A 460 -8.26 33.44 -5.96
C ALA A 460 -7.81 32.73 -4.69
N ALA A 461 -8.04 33.38 -3.54
CA ALA A 461 -7.66 32.80 -2.26
C ALA A 461 -8.36 31.46 -2.00
N HIS A 462 -9.62 31.34 -2.43
CA HIS A 462 -10.37 30.09 -2.31
C HIS A 462 -9.64 28.94 -3.04
N TYR A 463 -9.02 29.26 -4.18
CA TYR A 463 -8.25 28.30 -4.97
C TYR A 463 -6.96 27.86 -4.28
N VAL A 464 -6.18 28.84 -3.83
CA VAL A 464 -4.83 28.57 -3.36
C VAL A 464 -4.81 28.02 -1.93
N LEU A 465 -5.87 28.28 -1.17
CA LEU A 465 -5.94 27.84 0.22
C LEU A 465 -6.46 26.41 0.34
N GLY A 466 -5.82 25.49 -0.39
CA GLY A 466 -6.20 24.08 -0.41
C GLY A 466 -7.59 23.84 -0.96
N GLY A 467 -7.97 24.67 -1.94
CA GLY A 467 -9.30 24.61 -2.53
C GLY A 467 -9.62 23.30 -3.22
N PRO A 468 -10.92 23.00 -3.41
CA PRO A 468 -11.33 21.76 -4.07
C PRO A 468 -10.93 21.71 -5.55
N GLN A 469 -10.34 22.80 -6.04
CA GLN A 469 -9.84 22.87 -7.42
C GLN A 469 -8.57 22.02 -7.62
N GLY A 470 -7.97 21.56 -6.52
CA GLY A 470 -6.88 20.59 -6.56
C GLY A 470 -7.42 19.16 -6.54
N ASN A 471 -7.79 18.67 -7.72
CA ASN A 471 -8.50 17.39 -7.84
C ASN A 471 -7.68 16.16 -7.42
N ASN A 472 -6.38 16.35 -7.21
CA ASN A 472 -5.47 15.27 -6.82
C ASN A 472 -5.22 15.23 -5.32
N THR A 473 -5.53 16.31 -4.63
CA THR A 473 -5.20 16.41 -3.21
C THR A 473 -6.40 16.63 -2.28
N ASN A 474 -7.33 17.51 -2.68
CA ASN A 474 -8.51 17.77 -1.88
C ASN A 474 -9.54 16.64 -2.02
N VAL A 475 -9.77 15.92 -0.92
CA VAL A 475 -10.65 14.74 -0.94
C VAL A 475 -12.12 15.14 -1.10
N PHE A 476 -12.51 16.19 -0.40
CA PHE A 476 -13.82 16.82 -0.49
C PHE A 476 -13.78 18.11 0.34
N SER A 477 -14.84 18.89 0.30
CA SER A 477 -14.88 20.12 1.10
C SER A 477 -16.17 20.23 1.90
N ILE A 478 -16.06 20.81 3.09
CA ILE A 478 -17.22 21.02 3.93
C ILE A 478 -17.29 22.49 4.36
N GLY A 479 -18.48 22.94 4.74
CA GLY A 479 -18.67 24.31 5.17
C GLY A 479 -19.61 24.36 6.35
N THR A 480 -19.51 25.43 7.13
CA THR A 480 -20.39 25.65 8.27
C THR A 480 -21.59 26.46 7.79
N GLY A 481 -22.58 26.64 8.67
CA GLY A 481 -23.75 27.47 8.37
C GLY A 481 -23.46 28.94 8.13
N ALA A 482 -22.27 29.37 8.55
CA ALA A 482 -21.83 30.76 8.38
C ALA A 482 -21.10 31.01 7.05
N CYS A 483 -21.03 29.98 6.20
CA CYS A 483 -20.22 30.09 4.98
C CYS A 483 -20.98 30.72 3.81
N GLU A 484 -20.23 31.25 2.86
CA GLU A 484 -20.77 31.82 1.62
C GLU A 484 -19.70 31.80 0.53
N TYR A 485 -20.13 31.53 -0.70
CA TYR A 485 -19.26 31.37 -1.87
C TYR A 485 -19.61 32.36 -2.97
N TYR A 486 -18.65 33.21 -3.34
CA TYR A 486 -18.82 34.12 -4.48
C TYR A 486 -17.46 34.51 -5.05
N VAL A 487 -17.41 34.91 -6.31
CA VAL A 487 -16.17 35.42 -6.89
C VAL A 487 -15.70 36.66 -6.11
N MET A 488 -16.64 37.56 -5.83
CA MET A 488 -16.45 38.75 -5.00
C MET A 488 -17.83 39.17 -4.45
N PRO A 489 -17.87 40.10 -3.47
CA PRO A 489 -19.16 40.58 -3.02
C PRO A 489 -20.00 41.19 -4.16
N GLY A 490 -21.30 40.98 -4.12
CA GLY A 490 -22.23 41.48 -5.13
C GLY A 490 -22.07 42.95 -5.48
N GLU A 491 -21.84 43.79 -4.47
CA GLU A 491 -21.63 45.22 -4.66
C GLU A 491 -20.40 45.54 -5.50
N THR A 492 -19.26 44.96 -5.12
CA THR A 492 -18.00 45.14 -5.86
C THR A 492 -18.13 44.61 -7.28
N ALA A 493 -18.89 43.53 -7.45
CA ALA A 493 -19.09 42.91 -8.75
C ALA A 493 -19.95 43.79 -9.66
N ALA A 494 -21.05 44.31 -9.12
CA ALA A 494 -21.92 45.21 -9.87
C ALA A 494 -21.15 46.45 -10.33
N ASN A 495 -20.29 46.94 -9.43
CA ASN A 495 -19.41 48.06 -9.70
C ASN A 495 -18.52 47.81 -10.92
N ALA A 496 -17.62 46.83 -10.83
CA ALA A 496 -16.66 46.51 -11.90
C ALA A 496 -17.31 46.14 -13.23
N MET A 497 -18.54 45.63 -13.17
CA MET A 497 -19.31 45.26 -14.35
C MET A 497 -19.94 46.49 -15.04
N TYR A 498 -20.53 47.38 -14.25
CA TYR A 498 -21.35 48.46 -14.80
C TYR A 498 -20.85 49.89 -14.60
N SER A 499 -19.68 50.07 -13.97
CA SER A 499 -19.12 51.42 -13.74
C SER A 499 -18.76 52.13 -15.05
N ARG A 500 -18.10 51.41 -15.96
CA ARG A 500 -17.73 51.94 -17.27
C ARG A 500 -18.96 52.21 -18.17
N LYS A 501 -20.05 51.48 -17.93
CA LYS A 501 -21.32 51.71 -18.63
C LYS A 501 -22.06 52.86 -17.96
N GLN A 513 -30.65 54.66 -16.25
CA GLN A 513 -31.56 54.01 -15.29
C GLN A 513 -31.76 52.51 -15.52
N PRO A 514 -31.90 52.05 -16.79
CA PRO A 514 -31.96 50.60 -17.00
C PRO A 514 -30.71 49.87 -16.50
N ILE A 515 -29.62 50.62 -16.33
CA ILE A 515 -28.35 50.08 -15.82
C ILE A 515 -28.34 49.99 -14.28
N ILE A 516 -28.91 51.00 -13.60
CA ILE A 516 -29.07 50.97 -12.13
C ILE A 516 -29.87 49.75 -11.68
N GLY A 517 -30.98 49.49 -12.38
CA GLY A 517 -31.87 48.38 -12.08
C GLY A 517 -31.22 47.02 -12.13
N LYS A 518 -30.33 46.81 -13.10
CA LYS A 518 -29.66 45.53 -13.26
C LYS A 518 -28.36 45.40 -12.44
N MET A 519 -28.00 46.49 -11.76
CA MET A 519 -26.94 46.45 -10.74
C MET A 519 -27.51 45.90 -9.43
N ASN A 520 -28.74 46.30 -9.11
CA ASN A 520 -29.45 45.81 -7.92
C ASN A 520 -29.90 44.36 -8.10
N ASP A 521 -30.13 43.98 -9.35
CA ASP A 521 -30.41 42.58 -9.71
C ASP A 521 -29.20 41.70 -9.41
N MET A 522 -28.04 42.18 -9.82
CA MET A 522 -26.78 41.48 -9.60
C MET A 522 -26.48 41.32 -8.10
N ILE A 523 -26.64 42.39 -7.32
CA ILE A 523 -26.42 42.32 -5.88
C ILE A 523 -27.35 41.27 -5.24
N GLN A 524 -28.61 41.25 -5.66
CA GLN A 524 -29.59 40.32 -5.13
C GLN A 524 -29.26 38.87 -5.51
N MET A 525 -28.84 38.69 -6.76
CA MET A 525 -28.51 37.38 -7.28
C MET A 525 -27.28 36.78 -6.58
N TYR A 526 -26.26 37.62 -6.38
CA TYR A 526 -25.04 37.21 -5.66
C TYR A 526 -25.35 36.75 -4.23
N THR A 527 -26.33 37.38 -3.59
CA THR A 527 -26.78 36.96 -2.26
C THR A 527 -27.52 35.63 -2.36
N ASP A 528 -28.40 35.50 -3.35
CA ASP A 528 -29.19 34.29 -3.55
C ASP A 528 -28.30 33.10 -3.88
N LYS A 529 -27.39 33.29 -4.82
CA LYS A 529 -26.57 32.21 -5.36
C LYS A 529 -25.32 31.93 -4.54
N SER A 530 -25.23 32.53 -3.35
CA SER A 530 -24.11 32.31 -2.44
C SER A 530 -24.54 31.85 -1.04
N ARG A 531 -25.80 31.46 -0.88
CA ARG A 531 -26.30 30.90 0.38
C ARG A 531 -25.79 29.46 0.58
N PRO A 532 -25.41 29.10 1.81
CA PRO A 532 -24.90 27.75 2.14
C PRO A 532 -25.66 26.61 1.45
N LYS A 533 -27.00 26.65 1.46
CA LYS A 533 -27.80 25.58 0.89
C LYS A 533 -27.61 25.51 -0.63
N TYR A 534 -27.63 26.67 -1.28
CA TYR A 534 -27.45 26.75 -2.73
C TYR A 534 -26.06 26.25 -3.14
N CYS A 535 -25.06 26.61 -2.34
CA CYS A 535 -23.67 26.24 -2.57
C CYS A 535 -23.49 24.72 -2.53
N THR A 536 -24.09 24.04 -1.56
CA THR A 536 -23.97 22.60 -1.48
C THR A 536 -24.85 21.85 -2.49
N GLU A 537 -25.96 22.47 -2.90
CA GLU A 537 -26.81 21.92 -3.96
C GLU A 537 -26.06 21.85 -5.28
N LYS A 538 -25.26 22.88 -5.54
CA LYS A 538 -24.46 22.97 -6.76
C LYS A 538 -23.14 22.21 -6.63
N GLY A 539 -22.76 21.90 -5.39
CA GLY A 539 -21.55 21.13 -5.11
C GLY A 539 -20.32 21.99 -4.91
N MET A 540 -20.50 23.30 -4.75
CA MET A 540 -19.40 24.23 -4.46
C MET A 540 -18.69 23.81 -3.19
N VAL A 541 -19.49 23.34 -2.24
CA VAL A 541 -19.03 22.71 -1.00
C VAL A 541 -19.82 21.41 -0.90
N ASP A 542 -19.17 20.33 -0.47
CA ASP A 542 -19.81 19.00 -0.54
C ASP A 542 -20.89 18.81 0.52
N GLU A 543 -20.66 19.31 1.73
CA GLU A 543 -21.62 19.22 2.82
C GLU A 543 -21.58 20.47 3.71
N ILE A 544 -22.77 20.93 4.13
CA ILE A 544 -22.91 21.92 5.18
C ILE A 544 -23.06 21.12 6.46
N VAL A 545 -22.14 21.34 7.41
CA VAL A 545 -22.12 20.55 8.64
C VAL A 545 -22.34 21.44 9.85
N ASP A 546 -22.85 20.86 10.94
CA ASP A 546 -23.12 21.61 12.16
C ASP A 546 -21.83 22.01 12.87
N MET A 547 -21.86 23.12 13.61
CA MET A 547 -20.69 23.58 14.36
C MET A 547 -20.11 22.49 15.27
N THR A 548 -20.99 21.67 15.84
CA THR A 548 -20.60 20.57 16.73
C THR A 548 -20.20 19.34 15.92
N GLU A 549 -20.25 19.46 14.60
CA GLU A 549 -20.04 18.32 13.70
C GLU A 549 -18.74 18.45 12.90
N VAL A 550 -18.10 19.62 12.96
CA VAL A 550 -16.83 19.89 12.28
C VAL A 550 -15.68 18.99 12.76
N ARG A 551 -15.48 18.92 14.07
CA ARG A 551 -14.46 18.03 14.62
C ARG A 551 -14.70 16.54 14.25
N PRO A 552 -15.92 16.02 14.45
CA PRO A 552 -16.22 14.68 13.90
C PRO A 552 -15.75 14.46 12.46
N TYR A 553 -15.96 15.43 11.57
CA TYR A 553 -15.52 15.27 10.17
C TYR A 553 -14.00 15.26 10.04
N ILE A 554 -13.36 16.16 10.79
CA ILE A 554 -11.90 16.20 10.89
C ILE A 554 -11.36 14.86 11.41
N GLN A 555 -12.06 14.26 12.38
CA GLN A 555 -11.66 12.97 12.94
C GLN A 555 -11.81 11.83 11.94
N ALA A 556 -12.93 11.84 11.21
CA ALA A 556 -13.17 10.88 10.14
C ALA A 556 -12.07 10.97 9.08
N PHE A 557 -11.86 12.19 8.57
CA PHE A 557 -10.85 12.42 7.56
C PHE A 557 -9.47 11.94 8.00
N THR A 558 -9.04 12.40 9.18
CA THR A 558 -7.67 12.17 9.64
C THR A 558 -7.42 10.69 9.90
N GLU A 559 -8.41 10.02 10.48
CA GLU A 559 -8.31 8.60 10.76
C GLU A 559 -8.31 7.78 9.47
N ALA A 560 -9.12 8.20 8.49
CA ALA A 560 -9.10 7.60 7.15
C ALA A 560 -7.75 7.80 6.45
N ALA A 561 -7.18 9.00 6.58
CA ALA A 561 -5.89 9.34 5.97
C ALA A 561 -4.77 8.46 6.49
N TYR A 562 -4.78 8.18 7.78
CA TYR A 562 -3.73 7.36 8.39
C TYR A 562 -4.05 5.85 8.46
N GLN A 563 -5.16 5.44 7.87
CA GLN A 563 -5.61 4.06 7.99
C GLN A 563 -4.71 3.13 7.20
N ASN A 564 -4.42 3.53 5.97
CA ASN A 564 -3.55 2.78 5.09
C ASN A 564 -2.75 3.71 4.17
N PRO A 565 -1.89 4.58 4.75
CA PRO A 565 -1.20 5.58 3.92
C PRO A 565 -0.18 4.92 3.03
N GLN A 566 0.12 5.53 1.88
CA GLN A 566 1.01 4.90 0.91
C GLN A 566 2.49 5.25 1.11
N SER A 567 2.77 6.03 2.15
CA SER A 567 4.08 6.59 2.39
C SER A 567 4.20 6.99 3.86
N ILE A 568 5.37 6.75 4.45
CA ILE A 568 5.62 7.08 5.86
C ILE A 568 6.85 7.95 6.02
N CYS A 569 6.79 8.90 6.95
CA CYS A 569 8.00 9.52 7.53
C CYS A 569 8.06 9.23 9.03
N PRO A 570 9.08 8.46 9.47
CA PRO A 570 9.24 8.23 10.90
C PRO A 570 9.30 9.55 11.68
N MET A 571 8.76 9.57 12.90
CA MET A 571 8.69 10.81 13.67
C MET A 571 10.03 11.49 13.89
N HIS A 572 11.06 10.68 14.16
CA HIS A 572 12.38 11.19 14.48
C HIS A 572 13.11 11.72 13.23
N GLN A 573 12.45 11.62 12.07
CA GLN A 573 13.00 12.02 10.78
C GLN A 573 12.17 13.12 10.15
N MET A 574 11.25 13.69 10.94
CA MET A 574 10.38 14.76 10.47
C MET A 574 11.09 16.10 10.54
N LEU A 575 10.85 16.95 9.54
CA LEU A 575 11.52 18.23 9.49
C LEU A 575 10.68 19.36 10.11
N THR A 576 9.36 19.29 9.95
CA THR A 576 8.49 20.39 10.39
C THR A 576 8.71 20.77 11.85
N PRO A 577 8.74 19.77 12.77
CA PRO A 577 8.92 20.11 14.18
C PRO A 577 10.28 20.77 14.44
N ARG A 578 11.31 20.30 13.76
CA ARG A 578 12.65 20.82 13.89
C ARG A 578 12.75 22.25 13.36
N SER A 579 12.27 22.50 12.15
CA SER A 579 12.28 23.85 11.58
C SER A 579 11.46 24.83 12.40
N THR A 580 10.33 24.36 12.94
CA THR A 580 9.46 25.19 13.77
C THR A 580 10.19 25.63 15.05
N ARG A 581 10.90 24.68 15.66
CA ARG A 581 11.66 24.92 16.86
C ARG A 581 12.77 25.96 16.63
N GLU A 582 13.60 25.72 15.60
CA GLU A 582 14.73 26.60 15.26
C GLU A 582 14.32 28.05 15.04
N PHE A 583 13.19 28.27 14.37
CA PHE A 583 12.68 29.62 14.16
C PHE A 583 12.33 30.30 15.48
N GLU A 584 11.86 29.52 16.46
CA GLU A 584 11.52 30.04 17.78
C GLU A 584 12.76 30.42 18.58
N THR A 585 13.83 29.64 18.45
CA THR A 585 15.02 29.85 19.24
C THR A 585 16.05 30.76 18.54
N PHE A 586 16.48 30.41 17.33
CA PHE A 586 17.52 31.13 16.57
C PHE A 586 17.18 32.60 16.30
N MET B 3 -17.38 -20.57 -0.63
CA MET B 3 -17.48 -19.07 -0.52
C MET B 3 -16.35 -18.41 -1.31
N TYR B 4 -16.20 -18.84 -2.57
CA TYR B 4 -15.15 -18.37 -3.47
C TYR B 4 -15.68 -18.03 -4.85
N SER B 5 -14.94 -17.18 -5.57
CA SER B 5 -15.31 -16.80 -6.94
C SER B 5 -14.99 -17.92 -7.92
N MET B 6 -15.88 -18.13 -8.88
CA MET B 6 -15.59 -18.95 -10.07
C MET B 6 -15.02 -20.37 -9.84
N PRO B 7 -15.70 -21.21 -9.01
CA PRO B 7 -15.23 -22.60 -8.83
C PRO B 7 -15.07 -23.37 -10.14
N GLY B 8 -15.91 -23.05 -11.14
CA GLY B 8 -15.79 -23.59 -12.48
C GLY B 8 -14.41 -23.43 -13.09
N TYR B 9 -13.73 -22.33 -12.75
CA TYR B 9 -12.36 -22.08 -13.22
C TYR B 9 -11.29 -22.51 -12.22
N PHE B 10 -11.52 -22.25 -10.94
CA PHE B 10 -10.46 -22.34 -9.95
C PHE B 10 -10.50 -23.57 -9.04
N GLN B 11 -11.64 -24.26 -9.01
CA GLN B 11 -11.76 -25.51 -8.24
C GLN B 11 -11.88 -26.70 -9.16
N ASN B 12 -11.55 -27.89 -8.63
CA ASN B 12 -11.56 -29.12 -9.39
C ASN B 12 -10.77 -28.99 -10.69
N MET B 13 -9.63 -28.32 -10.64
CA MET B 13 -8.71 -28.28 -11.78
C MET B 13 -8.20 -29.70 -12.05
N PRO B 14 -7.75 -29.98 -13.29
CA PRO B 14 -7.07 -31.25 -13.50
C PRO B 14 -6.06 -31.57 -12.39
N THR B 15 -6.00 -32.82 -11.97
CA THR B 15 -4.98 -33.26 -11.03
C THR B 15 -3.85 -33.93 -11.79
N ILE B 16 -2.65 -33.87 -11.23
CA ILE B 16 -1.47 -34.38 -11.90
C ILE B 16 -0.64 -35.22 -10.93
N GLY B 17 0.38 -35.90 -11.44
CA GLY B 17 1.22 -36.77 -10.62
C GLY B 17 0.69 -38.17 -10.44
N LYS B 18 1.61 -39.12 -10.34
CA LYS B 18 1.32 -40.52 -10.04
C LYS B 18 1.87 -40.87 -8.65
N GLU B 19 1.26 -41.87 -8.01
CA GLU B 19 1.83 -42.48 -6.81
C GLU B 19 3.17 -43.10 -7.18
N LEU B 20 4.17 -42.95 -6.31
CA LEU B 20 5.54 -43.39 -6.62
C LEU B 20 5.67 -44.92 -6.63
N VAL B 21 5.95 -45.48 -7.80
CA VAL B 21 6.03 -46.93 -7.94
C VAL B 21 7.38 -47.51 -7.48
N ASN B 22 8.49 -46.96 -8.00
CA ASN B 22 9.82 -47.46 -7.63
C ASN B 22 10.72 -46.45 -6.89
N PRO B 23 10.76 -46.55 -5.55
CA PRO B 23 11.68 -45.75 -4.72
C PRO B 23 13.13 -45.95 -5.13
N ASN B 24 13.98 -44.97 -4.80
CA ASN B 24 15.39 -45.06 -5.10
C ASN B 24 16.24 -44.63 -3.90
N PRO B 25 16.60 -45.58 -3.03
CA PRO B 25 17.36 -45.27 -1.83
C PRO B 25 18.71 -44.62 -2.11
N GLU B 26 19.40 -45.06 -3.17
CA GLU B 26 20.73 -44.54 -3.52
C GLU B 26 20.64 -43.04 -3.77
N ASN B 27 19.69 -42.67 -4.63
CA ASN B 27 19.44 -41.28 -4.97
C ASN B 27 19.07 -40.44 -3.74
N GLU B 28 18.08 -40.92 -2.98
CA GLU B 28 17.64 -40.28 -1.76
C GLU B 28 18.80 -40.00 -0.81
N GLN B 29 19.67 -40.99 -0.65
CA GLN B 29 20.83 -40.88 0.22
C GLN B 29 21.83 -39.81 -0.29
N GLU B 30 22.01 -39.77 -1.61
CA GLU B 30 22.89 -38.77 -2.24
C GLU B 30 22.40 -37.33 -2.02
N ILE B 31 21.10 -37.12 -2.18
CA ILE B 31 20.48 -35.83 -1.90
C ILE B 31 20.66 -35.47 -0.42
N LYS B 32 20.27 -36.38 0.47
CA LYS B 32 20.33 -36.15 1.92
C LYS B 32 21.75 -35.90 2.44
N ALA B 33 22.74 -36.41 1.73
CA ALA B 33 24.15 -36.17 2.05
C ALA B 33 24.50 -34.69 1.84
N VAL B 34 24.03 -34.13 0.72
CA VAL B 34 24.18 -32.71 0.44
C VAL B 34 23.38 -31.89 1.49
N GLU B 35 22.14 -32.30 1.74
CA GLU B 35 21.29 -31.63 2.74
C GLU B 35 21.88 -31.63 4.15
N SER B 36 22.49 -32.77 4.54
CA SER B 36 23.18 -32.89 5.84
C SER B 36 24.37 -31.96 5.94
N ASP B 37 25.20 -31.93 4.89
CA ASP B 37 26.38 -31.08 4.89
C ASP B 37 25.98 -29.60 5.03
N ILE B 38 24.91 -29.21 4.34
CA ILE B 38 24.36 -27.85 4.48
C ILE B 38 23.95 -27.57 5.92
N HIS B 39 23.07 -28.40 6.47
CA HIS B 39 22.59 -28.25 7.87
C HIS B 39 23.74 -28.21 8.87
N GLU B 40 24.75 -29.03 8.61
CA GLU B 40 25.92 -29.14 9.47
C GLU B 40 26.78 -27.87 9.40
N SER B 41 26.98 -27.37 8.19
CA SER B 41 27.73 -26.12 7.97
C SER B 41 27.00 -24.92 8.57
N ILE B 42 25.66 -24.91 8.49
CA ILE B 42 24.85 -23.85 9.08
C ILE B 42 24.97 -23.86 10.60
N LYS B 43 24.86 -25.06 11.20
CA LYS B 43 24.99 -25.22 12.64
C LYS B 43 26.37 -24.77 13.13
N LYS B 44 27.42 -25.22 12.45
CA LYS B 44 28.78 -24.82 12.77
C LYS B 44 28.98 -23.30 12.66
N ALA B 45 28.40 -22.70 11.62
CA ALA B 45 28.48 -21.25 11.41
C ALA B 45 27.69 -20.44 12.45
N LEU B 46 26.51 -20.93 12.84
CA LEU B 46 25.71 -20.26 13.86
C LEU B 46 26.36 -20.32 15.25
N ASP B 47 27.15 -21.37 15.47
CA ASP B 47 27.84 -21.57 16.75
C ASP B 47 29.18 -20.86 16.82
N ALA B 48 29.82 -20.68 15.67
CA ALA B 48 31.12 -19.98 15.59
C ALA B 48 31.08 -18.60 16.25
N GLY B 49 32.26 -18.08 16.59
CA GLY B 49 32.39 -16.74 17.17
C GLY B 49 32.99 -16.75 18.55
N ILE B 50 33.61 -15.62 18.92
CA ILE B 50 34.30 -15.48 20.21
C ILE B 50 33.45 -15.61 21.49
N THR B 51 32.12 -15.54 21.39
CA THR B 51 31.24 -15.67 22.56
C THR B 51 30.13 -16.67 22.30
N SER B 52 30.00 -17.68 23.15
CA SER B 52 28.96 -18.71 22.99
C SER B 52 27.56 -18.19 23.33
N GLU B 53 26.54 -18.95 22.95
CA GLU B 53 25.17 -18.67 23.37
C GLU B 53 25.03 -18.79 24.89
N GLU B 54 25.69 -19.81 25.47
CA GLU B 54 25.71 -20.05 26.92
C GLU B 54 26.27 -18.85 27.67
N LYS B 55 27.37 -18.28 27.16
CA LYS B 55 28.01 -17.12 27.76
C LYS B 55 27.16 -15.85 27.65
N LEU B 56 26.55 -15.68 26.48
CA LEU B 56 25.57 -14.62 26.24
C LEU B 56 24.41 -14.69 27.23
N ASN B 57 23.84 -15.88 27.41
CA ASN B 57 22.73 -16.08 28.35
C ASN B 57 23.10 -15.75 29.80
N GLU B 58 24.34 -16.09 30.19
CA GLU B 58 24.85 -15.80 31.53
C GLU B 58 24.89 -14.30 31.79
N ARG B 59 25.25 -13.53 30.77
CA ARG B 59 25.33 -12.08 30.88
C ARG B 59 23.98 -11.38 30.69
N GLY B 60 22.91 -12.17 30.55
CA GLY B 60 21.55 -11.64 30.42
C GLY B 60 21.11 -11.29 29.01
N GLN B 61 21.74 -11.92 28.02
CA GLN B 61 21.47 -11.64 26.60
C GLN B 61 21.06 -12.88 25.82
N LEU B 62 20.18 -12.71 24.84
CA LEU B 62 19.82 -13.78 23.93
C LEU B 62 20.68 -13.71 22.67
N SER B 63 20.88 -14.86 22.03
CA SER B 63 21.56 -14.93 20.74
C SER B 63 20.59 -14.54 19.61
N ALA B 64 21.10 -14.45 18.38
CA ALA B 64 20.26 -14.14 17.22
C ALA B 64 19.09 -15.13 17.06
N MET B 65 19.40 -16.43 17.04
CA MET B 65 18.38 -17.47 16.89
C MET B 65 17.38 -17.54 18.04
N GLN B 66 17.82 -17.20 19.25
CA GLN B 66 16.92 -17.16 20.39
C GLN B 66 15.93 -16.01 20.25
N ARG B 67 16.44 -14.86 19.82
CA ARG B 67 15.60 -13.69 19.55
C ARG B 67 14.61 -13.98 18.43
N ILE B 68 15.09 -14.63 17.36
CA ILE B 68 14.25 -15.00 16.24
C ILE B 68 13.17 -15.99 16.65
N ASN B 69 13.56 -17.04 17.38
CA ASN B 69 12.60 -18.06 17.80
C ASN B 69 11.58 -17.56 18.81
N ALA B 70 11.93 -16.53 19.57
CA ALA B 70 10.98 -15.91 20.50
C ALA B 70 9.97 -15.03 19.77
N LEU B 71 10.35 -14.56 18.57
CA LEU B 71 9.52 -13.63 17.81
C LEU B 71 8.49 -14.36 16.94
N ILE B 72 8.93 -15.40 16.27
CA ILE B 72 8.12 -16.05 15.23
C ILE B 72 7.18 -17.15 15.74
N ASP B 73 6.10 -17.36 15.01
CA ASP B 73 5.25 -18.53 15.16
C ASP B 73 6.12 -19.78 14.93
N PRO B 74 6.02 -20.77 15.83
CA PRO B 74 6.82 -22.00 15.67
C PRO B 74 6.69 -22.62 14.27
N GLY B 75 7.80 -23.08 13.72
CA GLY B 75 7.81 -23.78 12.43
C GLY B 75 7.63 -22.91 11.19
N THR B 76 7.71 -21.59 11.33
CA THR B 76 7.54 -20.70 10.17
C THR B 76 8.84 -20.05 9.69
N TRP B 77 9.97 -20.45 10.27
CA TRP B 77 11.24 -19.83 9.96
C TRP B 77 11.82 -20.30 8.63
N CYS B 78 11.96 -19.36 7.69
CA CYS B 78 12.55 -19.63 6.39
C CYS B 78 13.83 -18.82 6.22
N PRO B 79 14.96 -19.39 6.66
CA PRO B 79 16.22 -18.64 6.59
C PRO B 79 16.66 -18.44 5.14
N LEU B 80 17.39 -17.35 4.91
CA LEU B 80 18.01 -17.11 3.61
C LEU B 80 19.43 -16.62 3.84
N ASN B 81 20.31 -16.93 2.89
CA ASN B 81 21.71 -16.51 2.98
C ASN B 81 22.41 -17.05 4.24
N SER B 82 21.98 -18.21 4.71
CA SER B 82 22.55 -18.83 5.90
C SER B 82 24.06 -18.98 5.75
N LEU B 83 24.50 -19.46 4.58
CA LEU B 83 25.90 -19.73 4.33
C LEU B 83 26.56 -18.69 3.43
N PHE B 84 25.86 -17.59 3.19
CA PHE B 84 26.38 -16.50 2.37
C PHE B 84 27.66 -15.97 3.01
N ASN B 85 28.74 -16.06 2.26
CA ASN B 85 30.06 -15.63 2.73
C ASN B 85 30.96 -15.38 1.53
N PRO B 86 30.61 -14.38 0.69
CA PRO B 86 31.32 -14.20 -0.58
C PRO B 86 32.79 -13.81 -0.40
N GLU B 87 33.09 -13.14 0.70
CA GLU B 87 34.44 -12.65 0.99
C GLU B 87 35.24 -13.62 1.86
N ASN B 88 34.62 -14.74 2.21
CA ASN B 88 35.31 -15.82 2.90
C ASN B 88 35.81 -15.47 4.31
N ASN B 89 34.97 -14.83 5.12
CA ASN B 89 35.29 -14.61 6.53
C ASN B 89 35.51 -15.95 7.22
N LYS B 90 36.38 -15.97 8.23
CA LYS B 90 36.75 -17.22 8.91
C LYS B 90 35.57 -17.92 9.59
N PHE B 91 34.66 -17.12 10.17
CA PHE B 91 33.48 -17.66 10.87
C PHE B 91 32.42 -18.26 9.93
N GLY B 92 32.51 -17.93 8.65
CA GLY B 92 31.63 -18.50 7.64
C GLY B 92 30.33 -17.75 7.37
N THR B 93 30.12 -16.62 8.05
CA THR B 93 28.91 -15.83 7.87
C THR B 93 29.19 -14.35 7.58
N THR B 94 28.12 -13.60 7.34
CA THR B 94 28.19 -12.15 7.18
C THR B 94 27.76 -11.42 8.47
N ASN B 95 27.72 -12.16 9.58
CA ASN B 95 27.34 -11.63 10.89
C ASN B 95 25.87 -11.22 11.06
N ILE B 96 25.02 -11.67 10.15
CA ILE B 96 23.59 -11.44 10.26
C ILE B 96 22.84 -12.71 9.95
N VAL B 97 21.73 -12.91 10.65
CA VAL B 97 20.84 -14.02 10.37
C VAL B 97 19.57 -13.40 9.81
N ASN B 98 19.18 -13.85 8.61
CA ASN B 98 18.05 -13.26 7.92
C ASN B 98 17.18 -14.29 7.23
N GLY B 99 15.93 -13.93 6.98
CA GLY B 99 14.97 -14.81 6.31
C GLY B 99 13.55 -14.34 6.57
N LEU B 100 12.60 -15.19 6.21
CA LEU B 100 11.18 -14.90 6.39
C LEU B 100 10.68 -15.62 7.64
N GLY B 101 9.83 -14.93 8.40
CA GLY B 101 9.20 -15.53 9.56
C GLY B 101 7.81 -14.95 9.72
N ARG B 102 6.92 -15.72 10.34
CA ARG B 102 5.55 -15.31 10.55
C ARG B 102 5.35 -14.93 12.02
N VAL B 103 4.65 -13.83 12.26
CA VAL B 103 4.43 -13.36 13.61
C VAL B 103 2.94 -13.15 13.84
N ASP B 104 2.35 -14.05 14.63
CA ASP B 104 0.90 -14.09 14.85
C ASP B 104 0.09 -14.05 13.53
N GLY B 105 0.53 -14.83 12.55
CA GLY B 105 -0.14 -14.90 11.26
C GLY B 105 0.37 -13.96 10.19
N LYS B 106 1.11 -12.91 10.57
CA LYS B 106 1.69 -11.96 9.62
C LYS B 106 3.12 -12.31 9.26
N TRP B 107 3.37 -12.48 7.97
CA TRP B 107 4.73 -12.63 7.48
C TRP B 107 5.50 -11.32 7.53
N VAL B 108 6.77 -11.41 7.94
CA VAL B 108 7.66 -10.26 7.99
C VAL B 108 9.05 -10.70 7.56
N TYR B 109 9.87 -9.74 7.12
CA TYR B 109 11.26 -10.01 6.83
C TYR B 109 12.09 -9.70 8.07
N ILE B 110 12.94 -10.65 8.46
CA ILE B 110 13.71 -10.55 9.71
C ILE B 110 15.21 -10.50 9.47
N VAL B 111 15.87 -9.54 10.12
CA VAL B 111 17.33 -9.40 10.09
C VAL B 111 17.83 -9.32 11.54
N ALA B 112 18.72 -10.24 11.91
CA ALA B 112 19.24 -10.29 13.27
C ALA B 112 20.76 -10.24 13.30
N SER B 113 21.31 -9.26 14.04
CA SER B 113 22.74 -9.15 14.26
C SER B 113 23.27 -10.38 15.00
N ASP B 114 24.41 -10.92 14.56
CA ASP B 114 25.02 -12.03 15.29
C ASP B 114 25.96 -11.51 16.38
N ASN B 115 25.42 -11.39 17.60
CA ASN B 115 26.18 -10.85 18.74
C ASN B 115 27.16 -11.84 19.36
N LYS B 116 27.33 -13.00 18.73
CA LYS B 116 28.36 -13.96 19.11
C LYS B 116 29.70 -13.56 18.50
N LYS B 117 29.66 -12.80 17.40
CA LYS B 117 30.83 -12.52 16.59
C LYS B 117 31.14 -11.03 16.56
N MET B 118 32.19 -10.64 17.30
CA MET B 118 32.65 -9.24 17.39
C MET B 118 31.49 -8.27 17.67
N ALA B 119 30.59 -8.69 18.56
CA ALA B 119 29.41 -7.90 18.96
C ALA B 119 28.58 -7.36 17.77
N GLY B 120 28.41 -8.21 16.74
CA GLY B 120 27.62 -7.88 15.55
C GLY B 120 28.25 -6.88 14.60
N ALA B 121 29.57 -6.93 14.47
CA ALA B 121 30.31 -5.97 13.66
C ALA B 121 30.06 -6.11 12.17
N TRP B 122 30.22 -5.02 11.43
CA TRP B 122 30.17 -5.04 9.98
C TRP B 122 31.34 -5.82 9.45
N VAL B 123 31.06 -6.93 8.76
CA VAL B 123 32.12 -7.74 8.16
C VAL B 123 32.01 -7.78 6.63
N PRO B 124 33.10 -8.09 5.93
CA PRO B 124 33.01 -8.18 4.47
C PRO B 124 31.84 -9.06 3.98
N GLY B 125 31.13 -8.56 2.97
CA GLY B 125 29.96 -9.25 2.43
C GLY B 125 28.65 -8.94 3.14
N GLN B 126 28.69 -8.28 4.30
CA GLN B 126 27.46 -7.99 5.06
C GLN B 126 26.54 -6.98 4.36
N ALA B 127 27.13 -5.91 3.81
CA ALA B 127 26.36 -4.86 3.14
C ALA B 127 25.47 -5.45 2.04
N GLU B 128 26.08 -6.30 1.22
CA GLU B 128 25.41 -7.00 0.14
C GLU B 128 24.26 -7.84 0.67
N ASN B 129 24.53 -8.59 1.72
CA ASN B 129 23.53 -9.41 2.40
C ASN B 129 22.34 -8.54 2.87
N LEU B 130 22.65 -7.40 3.49
CA LEU B 130 21.61 -6.50 4.03
C LEU B 130 20.74 -5.91 2.93
N ILE B 131 21.35 -5.66 1.76
CA ILE B 131 20.61 -5.12 0.61
C ILE B 131 19.64 -6.16 0.04
N ARG B 132 20.03 -7.43 0.08
CA ARG B 132 19.16 -8.52 -0.32
C ARG B 132 17.95 -8.62 0.59
N CYS B 133 18.12 -8.19 1.84
CA CYS B 133 17.01 -8.17 2.77
C CYS B 133 15.99 -7.09 2.40
N SER B 134 16.46 -5.85 2.33
CA SER B 134 15.59 -4.70 2.10
C SER B 134 14.95 -4.72 0.71
N ASP B 135 15.66 -5.29 -0.27
CA ASP B 135 15.10 -5.51 -1.60
C ASP B 135 13.89 -6.44 -1.56
N ALA B 136 14.02 -7.54 -0.80
CA ALA B 136 12.93 -8.51 -0.64
C ALA B 136 11.70 -7.84 -0.02
N ALA B 137 11.93 -7.07 1.04
CA ALA B 137 10.85 -6.33 1.70
C ALA B 137 10.21 -5.33 0.74
N LYS B 138 11.05 -4.68 -0.07
CA LYS B 138 10.60 -3.67 -1.03
C LYS B 138 9.69 -4.29 -2.09
N MET B 139 10.15 -5.39 -2.71
CA MET B 139 9.42 -6.05 -3.79
C MET B 139 8.11 -6.69 -3.34
N MET B 140 8.01 -7.02 -2.06
CA MET B 140 6.83 -7.70 -1.52
C MET B 140 5.98 -6.79 -0.63
N HIS B 141 6.44 -5.56 -0.45
CA HIS B 141 5.75 -4.61 0.45
CA HIS B 141 5.82 -4.61 0.48
C HIS B 141 5.57 -5.26 1.83
N LEU B 142 6.61 -5.96 2.28
CA LEU B 142 6.63 -6.69 3.51
C LEU B 142 7.43 -5.93 4.58
N PRO B 143 6.90 -5.86 5.82
CA PRO B 143 7.62 -5.19 6.91
C PRO B 143 9.00 -5.77 7.18
N LEU B 144 9.95 -4.89 7.50
CA LEU B 144 11.31 -5.30 7.78
C LEU B 144 11.58 -5.16 9.27
N ILE B 145 12.02 -6.24 9.90
CA ILE B 145 12.26 -6.26 11.33
C ILE B 145 13.74 -6.49 11.60
N TYR B 146 14.34 -5.55 12.34
CA TYR B 146 15.74 -5.68 12.79
C TYR B 146 15.80 -6.07 14.25
N LEU B 147 16.48 -7.17 14.53
CA LEU B 147 16.86 -7.53 15.89
C LEU B 147 18.31 -7.13 16.00
N LEU B 148 18.53 -5.89 16.40
CA LEU B 148 19.80 -5.19 16.22
C LEU B 148 20.73 -5.19 17.43
N ASN B 149 21.99 -5.54 17.16
CA ASN B 149 23.03 -5.64 18.16
C ASN B 149 24.34 -5.45 17.39
N CYS B 150 24.64 -4.20 17.04
CA CYS B 150 25.67 -3.90 16.02
C CYS B 150 26.74 -2.94 16.47
N SER B 151 27.99 -3.41 16.45
CA SER B 151 29.13 -2.63 16.94
C SER B 151 29.80 -1.82 15.83
N GLY B 152 29.21 -1.85 14.64
CA GLY B 152 29.69 -1.07 13.51
C GLY B 152 30.86 -1.69 12.76
N VAL B 153 31.60 -0.83 12.08
CA VAL B 153 32.75 -1.20 11.24
C VAL B 153 33.77 -2.07 11.97
N GLU B 154 34.12 -3.21 11.36
CA GLU B 154 35.26 -3.99 11.80
C GLU B 154 36.53 -3.25 11.37
N PHE B 155 37.28 -2.72 12.34
CA PHE B 155 38.42 -1.83 12.07
C PHE B 155 39.47 -2.36 11.08
N PRO B 156 39.93 -3.62 11.24
CA PRO B 156 40.88 -4.17 10.27
C PRO B 156 40.35 -4.23 8.82
N ASN B 157 39.03 -4.32 8.66
CA ASN B 157 38.40 -4.50 7.36
C ASN B 157 37.67 -3.29 6.83
N GLN B 158 37.90 -2.12 7.43
CA GLN B 158 37.15 -0.91 7.13
C GLN B 158 36.98 -0.63 5.63
N ASP B 159 38.04 -0.83 4.83
CA ASP B 159 38.01 -0.54 3.40
C ASP B 159 37.00 -1.41 2.62
N LYS B 160 36.59 -2.52 3.24
CA LYS B 160 35.66 -3.45 2.62
C LYS B 160 34.23 -3.33 3.16
N VAL B 161 34.06 -2.62 4.28
CA VAL B 161 32.75 -2.56 4.93
C VAL B 161 32.20 -1.13 5.05
N TYR B 162 33.09 -0.14 4.96
CA TYR B 162 32.69 1.25 5.14
C TYR B 162 32.27 2.02 3.87
N PRO B 163 33.11 1.99 2.80
CA PRO B 163 32.83 2.91 1.69
C PRO B 163 31.95 2.29 0.59
N ASN B 164 31.76 3.06 -0.49
CA ASN B 164 31.22 2.57 -1.77
C ASN B 164 29.68 2.59 -1.87
N ARG B 165 29.18 2.39 -3.09
CA ARG B 165 27.76 2.53 -3.42
C ARG B 165 26.90 1.51 -2.67
N ARG B 166 27.43 0.30 -2.54
CA ARG B 166 26.77 -0.81 -1.85
C ARG B 166 27.61 -1.24 -0.65
N GLY B 167 27.83 -0.30 0.27
CA GLY B 167 28.55 -0.59 1.50
C GLY B 167 27.69 -0.33 2.72
N GLY B 168 28.33 -0.22 3.88
CA GLY B 168 27.64 -0.12 5.16
C GLY B 168 26.64 1.03 5.30
N GLY B 169 26.81 2.08 4.49
CA GLY B 169 25.91 3.23 4.53
C GLY B 169 24.62 3.06 3.71
N THR B 170 24.64 2.10 2.80
CA THR B 170 23.53 1.91 1.87
C THR B 170 22.18 1.55 2.53
N PRO B 171 22.18 0.56 3.47
CA PRO B 171 20.94 0.21 4.19
C PRO B 171 20.20 1.39 4.83
N PHE B 172 20.92 2.45 5.22
CA PHE B 172 20.27 3.61 5.82
C PHE B 172 19.40 4.36 4.79
N PHE B 173 19.86 4.36 3.54
CA PHE B 173 19.12 4.95 2.44
C PHE B 173 17.98 4.02 2.06
N ARG B 174 18.26 2.71 2.10
CA ARG B 174 17.25 1.72 1.74
C ARG B 174 16.09 1.71 2.73
N ASN B 175 16.37 2.03 3.99
CA ASN B 175 15.32 2.10 5.01
C ASN B 175 14.43 3.32 4.81
N SER B 176 15.04 4.43 4.39
CA SER B 176 14.27 5.62 4.05
C SER B 176 13.40 5.37 2.82
N GLU B 177 13.94 4.65 1.85
CA GLU B 177 13.19 4.26 0.66
C GLU B 177 11.97 3.41 1.03
N LEU B 178 12.19 2.38 1.86
CA LEU B 178 11.10 1.54 2.36
C LEU B 178 10.02 2.39 3.00
N ASN B 179 10.41 3.25 3.92
CA ASN B 179 9.48 4.15 4.58
C ASN B 179 8.68 4.98 3.59
N GLN B 180 9.39 5.57 2.63
CA GLN B 180 8.75 6.39 1.59
C GLN B 180 7.81 5.63 0.66
N LEU B 181 8.12 4.35 0.41
CA LEU B 181 7.21 3.45 -0.31
C LEU B 181 6.05 2.91 0.57
N GLY B 182 6.05 3.28 1.84
CA GLY B 182 4.96 2.90 2.72
C GLY B 182 5.20 1.57 3.42
N ILE B 183 6.45 1.13 3.43
CA ILE B 183 6.83 -0.14 4.03
C ILE B 183 7.49 0.09 5.39
N PRO B 184 6.83 -0.30 6.48
CA PRO B 184 7.33 0.00 7.83
C PRO B 184 8.60 -0.81 8.18
N VAL B 185 9.48 -0.20 8.96
CA VAL B 185 10.68 -0.86 9.47
C VAL B 185 10.67 -0.75 10.99
N ILE B 186 10.80 -1.89 11.68
CA ILE B 186 10.76 -1.94 13.14
C ILE B 186 12.07 -2.48 13.69
N VAL B 187 12.65 -1.79 14.67
CA VAL B 187 13.93 -2.22 15.26
C VAL B 187 13.85 -2.51 16.76
N GLY B 188 14.41 -3.66 17.14
CA GLY B 188 14.70 -3.94 18.54
C GLY B 188 16.17 -3.61 18.76
N ILE B 189 16.44 -2.64 19.64
CA ILE B 189 17.81 -2.17 19.89
C ILE B 189 18.41 -2.84 21.15
N TYR B 190 19.42 -3.67 20.94
CA TYR B 190 20.10 -4.40 22.01
C TYR B 190 21.55 -3.95 22.10
N GLY B 191 22.10 -3.95 23.32
CA GLY B 191 23.52 -3.71 23.54
C GLY B 191 24.00 -2.37 23.00
N THR B 192 25.24 -2.33 22.52
CA THR B 192 25.85 -1.08 22.11
C THR B 192 25.82 -0.91 20.59
N ASN B 193 25.27 0.22 20.16
CA ASN B 193 25.13 0.51 18.73
C ASN B 193 25.69 1.88 18.37
N PRO B 194 27.03 1.96 18.19
CA PRO B 194 27.67 3.22 17.87
C PRO B 194 27.90 3.41 16.37
N ALA B 195 27.85 4.66 15.94
CA ALA B 195 28.17 5.06 14.55
C ALA B 195 27.35 4.25 13.54
N GLY B 196 27.98 3.28 12.88
CA GLY B 196 27.30 2.42 11.92
C GLY B 196 26.06 1.74 12.49
N GLY B 197 26.19 1.21 13.71
CA GLY B 197 25.09 0.58 14.41
C GLY B 197 24.08 1.60 14.90
N GLY B 198 24.54 2.83 15.11
CA GLY B 198 23.65 3.94 15.47
C GLY B 198 22.67 4.30 14.35
N TYR B 199 23.13 4.22 13.11
CA TYR B 199 22.28 4.53 11.97
C TYR B 199 21.34 3.40 11.60
N HIS B 200 21.75 2.17 11.90
CA HIS B 200 20.84 1.04 11.85
C HIS B 200 19.74 1.20 12.89
N SER B 201 20.07 1.84 14.02
CA SER B 201 19.10 2.06 15.08
C SER B 201 18.09 3.15 14.72
N ILE B 202 18.56 4.22 14.06
CA ILE B 202 17.77 5.44 13.87
C ILE B 202 16.97 5.48 12.57
N SER B 203 17.43 4.70 11.57
CA SER B 203 16.82 4.69 10.24
C SER B 203 15.40 4.06 10.15
N PRO B 204 15.10 3.02 10.98
CA PRO B 204 13.75 2.42 11.02
C PRO B 204 12.62 3.35 11.46
N THR B 205 11.39 2.87 11.27
CA THR B 205 10.18 3.61 11.60
C THR B 205 9.94 3.61 13.11
N ILE B 206 10.14 2.45 13.74
CA ILE B 206 9.83 2.25 15.14
C ILE B 206 11.04 1.72 15.91
N LEU B 207 11.38 2.40 17.00
CA LEU B 207 12.53 2.03 17.85
C LEU B 207 12.10 1.49 19.23
N ILE B 208 12.38 0.21 19.47
CA ILE B 208 12.15 -0.41 20.77
C ILE B 208 13.50 -0.75 21.40
N ALA B 209 13.78 -0.21 22.59
CA ALA B 209 15.10 -0.38 23.22
C ALA B 209 15.14 -1.28 24.47
N HIS B 210 16.20 -2.08 24.58
CA HIS B 210 16.58 -2.75 25.82
C HIS B 210 17.06 -1.67 26.80
N GLN B 211 16.75 -1.84 28.08
CA GLN B 211 17.07 -0.80 29.08
C GLN B 211 18.56 -0.47 29.20
N ASP B 212 19.42 -1.42 28.84
CA ASP B 212 20.88 -1.21 28.90
C ASP B 212 21.47 -0.84 27.54
N ALA B 213 20.61 -0.74 26.52
CA ALA B 213 21.06 -0.54 25.16
C ALA B 213 21.42 0.93 24.90
N ASN B 214 22.17 1.16 23.83
CA ASN B 214 22.47 2.52 23.38
C ASN B 214 22.53 2.63 21.85
N MET B 215 22.31 3.84 21.36
CA MET B 215 22.57 4.20 19.97
C MET B 215 23.26 5.56 19.94
N ALA B 216 24.28 5.70 19.12
CA ALA B 216 25.08 6.92 19.12
C ALA B 216 25.77 7.21 17.79
N VAL B 217 25.98 8.49 17.52
CA VAL B 217 26.82 8.96 16.40
C VAL B 217 28.24 8.40 16.53
N GLY B 218 28.75 8.38 17.76
CA GLY B 218 30.06 7.79 18.07
C GLY B 218 30.07 7.20 19.46
N GLY B 219 30.84 6.13 19.64
CA GLY B 219 30.98 5.45 20.93
C GLY B 219 31.90 6.14 21.92
N ALA B 220 32.12 5.49 23.07
CA ALA B 220 32.91 6.06 24.16
C ALA B 220 34.40 6.26 23.80
N GLY B 221 34.94 7.47 24.06
CA GLY B 221 34.19 8.59 24.66
C GLY B 221 33.49 9.52 23.67
N ASP B 233 56.82 6.20 21.32
CA ASP B 233 56.61 4.82 20.88
C ASP B 233 56.05 3.95 22.02
N ASP B 234 56.83 3.81 23.08
CA ASP B 234 56.41 3.14 24.31
C ASP B 234 55.91 4.21 25.28
N GLU B 235 56.57 5.37 25.22
CA GLU B 235 56.13 6.58 25.92
C GLU B 235 54.76 6.97 25.36
N ALA B 236 54.64 6.87 24.03
CA ALA B 236 53.36 6.99 23.33
C ALA B 236 52.38 5.91 23.82
N ALA B 237 52.84 4.65 23.83
CA ALA B 237 52.00 3.50 24.19
C ALA B 237 51.42 3.55 25.61
N GLU B 238 52.24 3.97 26.58
CA GLU B 238 51.82 4.06 27.99
C GLU B 238 50.77 5.15 28.21
N GLN B 239 50.95 6.29 27.54
CA GLN B 239 50.06 7.46 27.64
C GLN B 239 48.58 7.10 27.49
N ILE B 240 48.29 6.22 26.53
CA ILE B 240 46.92 5.78 26.21
C ILE B 240 46.22 5.07 27.37
N ILE B 241 46.96 4.19 28.07
CA ILE B 241 46.40 3.38 29.16
C ILE B 241 46.11 4.24 30.41
N ALA B 242 46.82 5.36 30.54
CA ALA B 242 46.56 6.34 31.59
C ALA B 242 45.22 7.03 31.38
N ALA B 243 45.01 7.55 30.15
CA ALA B 243 43.75 8.19 29.77
C ALA B 243 42.57 7.22 29.86
N GLN B 244 42.82 5.96 29.48
CA GLN B 244 41.82 4.91 29.51
C GLN B 244 41.32 4.56 30.90
N ILE B 245 42.27 4.36 31.82
CA ILE B 245 41.94 4.00 33.20
C ILE B 245 41.39 5.19 33.99
N GLU B 246 41.78 6.40 33.59
CA GLU B 246 41.22 7.64 34.14
C GLU B 246 39.76 7.83 33.69
N ASN B 247 39.48 7.54 32.42
CA ASN B 247 38.13 7.60 31.88
C ASN B 247 37.23 6.48 32.40
N SER B 248 37.84 5.34 32.70
CA SER B 248 37.11 4.20 33.25
C SER B 248 36.69 4.46 34.70
N LYS B 249 37.57 5.10 35.48
CA LYS B 249 37.26 5.54 36.85
C LYS B 249 36.35 6.77 36.84
N LEU B 250 36.42 7.56 35.76
CA LEU B 250 35.53 8.70 35.52
C LEU B 250 34.05 8.26 35.45
N LYS B 251 33.84 7.03 34.94
CA LYS B 251 32.51 6.38 34.85
C LYS B 251 31.48 7.18 34.04
N VAL B 252 31.93 7.71 32.90
CA VAL B 252 31.06 8.37 31.93
C VAL B 252 30.22 7.31 31.21
N PRO B 253 28.88 7.47 31.18
CA PRO B 253 28.02 6.46 30.55
C PRO B 253 28.22 6.40 29.03
N ALA B 254 28.08 5.21 28.45
CA ALA B 254 28.14 5.03 27.00
C ALA B 254 27.14 5.97 26.32
N PRO B 255 27.61 6.74 25.31
CA PRO B 255 26.76 7.77 24.69
C PRO B 255 25.45 7.23 24.11
N GLY B 256 24.39 8.01 24.26
CA GLY B 256 23.08 7.67 23.71
C GLY B 256 22.39 6.49 24.37
N SER B 257 22.62 6.33 25.67
CA SER B 257 21.92 5.33 26.48
C SER B 257 20.47 5.75 26.75
N VAL B 258 19.70 4.89 27.41
CA VAL B 258 18.29 5.16 27.68
C VAL B 258 18.00 6.53 28.31
N PRO B 259 18.77 6.95 29.34
CA PRO B 259 18.49 8.29 29.91
C PRO B 259 18.61 9.43 28.86
N ILE B 260 19.33 9.17 27.77
CA ILE B 260 19.42 10.14 26.67
C ILE B 260 18.29 9.96 25.65
N HIS B 261 18.25 8.79 24.99
CA HIS B 261 17.38 8.60 23.85
C HIS B 261 15.94 8.24 24.15
N TYR B 262 15.65 7.99 25.42
CA TYR B 262 14.28 7.90 25.89
C TYR B 262 13.88 9.19 26.60
N ASP B 263 14.60 9.54 27.66
CA ASP B 263 14.25 10.70 28.50
C ASP B 263 14.44 12.07 27.85
N GLU B 264 15.44 12.23 26.98
CA GLU B 264 15.72 13.53 26.36
C GLU B 264 15.17 13.67 24.93
N THR B 265 15.67 12.84 24.01
CA THR B 265 15.32 12.95 22.59
C THR B 265 14.00 12.26 22.24
N GLY B 266 13.64 11.22 23.01
CA GLY B 266 12.44 10.45 22.75
C GLY B 266 12.47 9.77 21.40
N PHE B 267 13.66 9.37 20.97
CA PHE B 267 13.83 8.57 19.76
C PHE B 267 13.53 7.10 20.04
N PHE B 268 13.92 6.62 21.24
CA PHE B 268 13.41 5.33 21.73
C PHE B 268 11.93 5.53 22.04
N ARG B 269 11.06 4.78 21.38
CA ARG B 269 9.64 4.92 21.61
C ARG B 269 9.23 4.19 22.88
N GLU B 270 9.87 3.04 23.12
CA GLU B 270 9.55 2.21 24.26
C GLU B 270 10.80 1.53 24.78
N VAL B 271 10.84 1.31 26.09
CA VAL B 271 11.97 0.65 26.76
C VAL B 271 11.50 -0.57 27.55
N TYR B 272 12.18 -1.68 27.35
CA TYR B 272 11.86 -2.95 28.03
C TYR B 272 13.03 -3.45 28.87
N GLN B 273 12.72 -4.19 29.93
CA GLN B 273 13.73 -4.63 30.91
C GLN B 273 14.67 -5.70 30.38
N ASN B 274 14.16 -6.60 29.54
CA ASN B 274 15.00 -7.66 28.97
C ASN B 274 14.70 -7.95 27.50
N ASP B 275 15.45 -8.90 26.94
CA ASP B 275 15.37 -9.25 25.53
C ASP B 275 13.98 -9.69 25.10
N LEU B 276 13.31 -10.47 25.93
CA LEU B 276 11.95 -10.94 25.61
C LEU B 276 10.92 -9.81 25.67
N GLY B 277 11.18 -8.82 26.51
CA GLY B 277 10.32 -7.63 26.58
C GLY B 277 10.39 -6.86 25.28
N VAL B 278 11.62 -6.66 24.79
CA VAL B 278 11.89 -6.04 23.49
C VAL B 278 11.10 -6.75 22.39
N ILE B 279 11.16 -8.07 22.38
CA ILE B 279 10.41 -8.90 21.43
C ILE B 279 8.89 -8.63 21.51
N ASP B 280 8.35 -8.61 22.74
CA ASP B 280 6.94 -8.29 22.95
C ASP B 280 6.56 -6.94 22.35
N GLY B 281 7.43 -5.95 22.52
CA GLY B 281 7.25 -4.62 21.96
C GLY B 281 7.16 -4.69 20.45
N ILE B 282 8.07 -5.45 19.85
CA ILE B 282 8.09 -5.64 18.40
C ILE B 282 6.78 -6.31 17.95
N LYS B 283 6.41 -7.41 18.63
CA LYS B 283 5.16 -8.11 18.36
C LYS B 283 3.96 -7.18 18.39
N LYS B 284 3.96 -6.26 19.35
CA LYS B 284 2.86 -5.32 19.49
C LYS B 284 2.76 -4.41 18.26
N TYR B 285 3.89 -3.87 17.84
CA TYR B 285 3.92 -2.99 16.67
C TYR B 285 3.64 -3.76 15.37
N ILE B 286 4.12 -4.99 15.27
CA ILE B 286 3.75 -5.85 14.14
C ILE B 286 2.21 -6.02 14.07
N SER B 287 1.58 -6.20 15.22
CA SER B 287 0.12 -6.38 15.27
C SER B 287 -0.62 -5.14 14.74
N TYR B 288 0.00 -3.96 14.88
CA TYR B 288 -0.55 -2.70 14.33
C TYR B 288 -0.51 -2.62 12.79
N LEU B 289 0.35 -3.40 12.16
CA LEU B 289 0.62 -3.27 10.72
C LEU B 289 -0.53 -3.77 9.82
N PRO B 290 -0.72 -3.10 8.66
CA PRO B 290 -1.79 -3.50 7.74
C PRO B 290 -1.45 -4.82 7.07
N ALA B 291 -2.43 -5.72 7.03
CA ALA B 291 -2.27 -7.01 6.38
C ALA B 291 -3.65 -7.54 6.07
N TYR B 292 -3.81 -8.09 4.86
CA TYR B 292 -5.05 -8.76 4.49
C TYR B 292 -5.21 -10.03 5.30
N ASN B 293 -6.45 -10.38 5.58
CA ASN B 293 -6.80 -11.75 5.84
C ASN B 293 -6.74 -12.45 4.49
N LEU B 294 -5.81 -13.38 4.34
CA LEU B 294 -5.53 -14.03 3.05
C LEU B 294 -6.76 -14.67 2.39
N GLU B 295 -7.81 -14.88 3.19
CA GLU B 295 -9.09 -15.40 2.72
C GLU B 295 -9.63 -14.57 1.56
N PHE B 296 -9.49 -13.24 1.68
CA PHE B 296 -9.88 -12.25 0.67
C PHE B 296 -9.41 -12.64 -0.74
N PHE B 297 -8.17 -13.11 -0.86
CA PHE B 297 -7.59 -13.47 -2.16
C PHE B 297 -7.67 -14.96 -2.52
N ARG B 298 -8.26 -15.78 -1.66
CA ARG B 298 -8.33 -17.22 -1.94
C ARG B 298 -9.38 -17.56 -3.01
N VAL B 299 -9.10 -18.61 -3.79
CA VAL B 299 -10.04 -19.13 -4.76
C VAL B 299 -10.54 -20.53 -4.35
N ASP B 300 -9.92 -21.06 -3.29
CA ASP B 300 -10.28 -22.35 -2.73
C ASP B 300 -9.74 -22.37 -1.30
N THR B 301 -10.26 -23.26 -0.48
CA THR B 301 -9.76 -23.43 0.88
C THR B 301 -8.38 -24.11 0.79
N PRO B 302 -7.43 -23.75 1.68
CA PRO B 302 -6.09 -24.37 1.61
C PRO B 302 -6.15 -25.90 1.67
N LYS B 303 -5.44 -26.57 0.78
CA LYS B 303 -5.41 -28.04 0.73
C LYS B 303 -4.00 -28.54 0.49
N ALA B 304 -3.59 -29.55 1.24
CA ALA B 304 -2.28 -30.17 1.04
C ALA B 304 -2.18 -30.82 -0.36
N PRO B 305 -0.97 -30.98 -0.91
CA PRO B 305 -0.85 -31.78 -2.14
C PRO B 305 -1.31 -33.23 -1.88
N GLN B 306 -1.72 -33.93 -2.93
CA GLN B 306 -2.24 -35.29 -2.76
C GLN B 306 -1.15 -36.36 -2.80
N LEU B 307 0.09 -35.96 -3.08
CA LEU B 307 1.21 -36.87 -3.08
C LEU B 307 2.31 -36.35 -2.15
N PRO B 308 2.97 -37.26 -1.40
CA PRO B 308 3.94 -36.81 -0.40
C PRO B 308 5.22 -36.22 -1.01
N ALA B 309 5.75 -35.19 -0.36
CA ALA B 309 6.93 -34.48 -0.83
C ALA B 309 8.20 -35.32 -0.73
N GLU B 310 8.20 -36.33 0.15
CA GLU B 310 9.39 -37.17 0.35
C GLU B 310 9.74 -38.02 -0.88
N ASP B 311 8.74 -38.29 -1.72
CA ASP B 311 8.94 -38.93 -3.03
C ASP B 311 9.95 -38.19 -3.90
N LEU B 312 10.07 -36.88 -3.69
CA LEU B 312 11.00 -36.04 -4.45
C LEU B 312 12.45 -36.49 -4.31
N TYR B 313 12.75 -37.19 -3.21
CA TYR B 313 14.07 -37.79 -3.01
C TYR B 313 14.34 -38.91 -4.01
N SER B 314 13.26 -39.48 -4.57
CA SER B 314 13.36 -40.48 -5.63
C SER B 314 13.24 -39.83 -7.02
N ILE B 315 12.23 -38.96 -7.18
CA ILE B 315 11.87 -38.37 -8.48
C ILE B 315 12.97 -37.52 -9.13
N ILE B 316 13.61 -36.65 -8.35
CA ILE B 316 14.63 -35.74 -8.88
C ILE B 316 16.00 -36.41 -8.84
N PRO B 317 16.54 -36.83 -10.01
CA PRO B 317 17.78 -37.59 -10.06
C PRO B 317 19.04 -36.75 -9.88
N MET B 318 19.90 -37.18 -8.95
CA MET B 318 21.25 -36.62 -8.79
C MET B 318 22.15 -36.94 -9.98
N ASN B 319 21.81 -38.00 -10.71
CA ASN B 319 22.46 -38.29 -11.98
C ASN B 319 22.00 -37.26 -13.01
N GLN B 320 22.86 -36.25 -13.23
CA GLN B 320 22.49 -35.09 -14.04
C GLN B 320 22.17 -35.42 -15.50
N LYS B 321 22.41 -36.66 -15.91
CA LYS B 321 22.10 -37.09 -17.27
C LYS B 321 20.70 -37.70 -17.38
N ARG B 322 20.04 -37.93 -16.24
CA ARG B 322 18.73 -38.56 -16.23
C ARG B 322 17.58 -37.56 -16.31
N PRO B 323 16.65 -37.77 -17.27
CA PRO B 323 15.42 -37.00 -17.26
C PRO B 323 14.51 -37.42 -16.09
N TYR B 324 13.42 -36.68 -15.90
CA TYR B 324 12.40 -37.02 -14.92
C TYR B 324 11.16 -36.27 -15.34
N ASP B 325 10.02 -36.60 -14.75
CA ASP B 325 8.76 -35.96 -15.11
C ASP B 325 8.49 -34.79 -14.17
N ILE B 326 8.56 -33.57 -14.73
CA ILE B 326 8.36 -32.33 -13.97
C ILE B 326 6.99 -32.23 -13.30
N TYR B 327 5.98 -32.85 -13.91
CA TYR B 327 4.64 -32.89 -13.34
C TYR B 327 4.61 -33.55 -11.96
N GLU B 328 5.48 -34.54 -11.76
CA GLU B 328 5.62 -35.21 -10.46
C GLU B 328 6.11 -34.23 -9.39
N VAL B 329 6.94 -33.26 -9.77
CA VAL B 329 7.39 -32.22 -8.86
C VAL B 329 6.25 -31.24 -8.54
N ILE B 330 5.58 -30.76 -9.59
CA ILE B 330 4.51 -29.79 -9.46
C ILE B 330 3.36 -30.35 -8.62
N ALA B 331 3.07 -31.64 -8.81
CA ALA B 331 1.98 -32.33 -8.09
C ALA B 331 2.22 -32.40 -6.58
N ARG B 332 3.49 -32.34 -6.18
CA ARG B 332 3.87 -32.44 -4.78
C ARG B 332 4.09 -31.10 -4.08
N LEU B 333 4.04 -30.01 -4.84
CA LEU B 333 4.34 -28.69 -4.30
C LEU B 333 3.10 -27.80 -4.18
N PHE B 334 2.06 -28.09 -4.95
CA PHE B 334 0.92 -27.19 -5.02
C PHE B 334 -0.37 -27.80 -4.52
N ASP B 335 -1.20 -26.96 -3.92
CA ASP B 335 -2.46 -27.39 -3.33
C ASP B 335 -3.19 -28.47 -4.12
N ASN B 336 -3.51 -29.55 -3.42
CA ASN B 336 -4.35 -30.64 -3.93
C ASN B 336 -3.85 -31.31 -5.22
N SER B 337 -2.57 -31.15 -5.53
CA SER B 337 -1.98 -31.65 -6.77
C SER B 337 -2.72 -31.15 -8.03
N GLU B 338 -3.39 -30.01 -7.91
CA GLU B 338 -4.11 -29.41 -9.02
C GLU B 338 -3.24 -28.49 -9.88
N PHE B 339 -3.50 -28.50 -11.18
CA PHE B 339 -2.78 -27.67 -12.13
C PHE B 339 -3.67 -27.32 -13.32
N SER B 340 -3.67 -26.05 -13.68
CA SER B 340 -4.45 -25.58 -14.82
C SER B 340 -3.52 -25.04 -15.92
N GLU B 341 -3.10 -25.93 -16.81
CA GLU B 341 -2.03 -25.62 -17.76
C GLU B 341 -2.45 -24.66 -18.86
N TYR B 342 -1.60 -23.67 -19.12
CA TYR B 342 -1.81 -22.72 -20.20
C TYR B 342 -1.13 -23.22 -21.48
N LYS B 343 -1.93 -23.45 -22.51
CA LYS B 343 -1.44 -23.86 -23.83
C LYS B 343 -0.61 -25.15 -23.84
N LYS B 344 -1.13 -26.20 -23.21
CA LYS B 344 -0.50 -27.52 -23.28
C LYS B 344 -0.47 -27.99 -24.73
N GLY B 345 0.67 -28.52 -25.16
CA GLY B 345 0.83 -28.99 -26.53
C GLY B 345 1.61 -27.99 -27.36
N TYR B 346 1.44 -26.70 -27.07
CA TYR B 346 2.20 -25.65 -27.69
C TYR B 346 3.42 -25.34 -26.82
N GLY B 347 4.60 -25.35 -27.41
CA GLY B 347 5.85 -25.15 -26.66
C GLY B 347 6.13 -26.23 -25.63
N PRO B 348 6.22 -27.51 -26.08
CA PRO B 348 6.33 -28.68 -25.18
C PRO B 348 7.58 -28.74 -24.28
N GLU B 349 8.58 -27.89 -24.54
CA GLU B 349 9.79 -27.83 -23.70
C GLU B 349 9.57 -27.14 -22.35
N MET B 350 8.40 -26.51 -22.17
CA MET B 350 8.05 -25.81 -20.93
C MET B 350 6.65 -26.17 -20.48
N VAL B 351 6.46 -26.18 -19.16
CA VAL B 351 5.14 -26.18 -18.57
C VAL B 351 4.83 -24.77 -18.01
N THR B 352 3.70 -24.20 -18.44
CA THR B 352 3.22 -22.93 -17.92
C THR B 352 1.75 -23.10 -17.54
N GLY B 353 1.39 -22.71 -16.33
CA GLY B 353 0.00 -22.82 -15.90
C GLY B 353 -0.27 -22.26 -14.53
N LEU B 354 -1.53 -22.23 -14.17
CA LEU B 354 -1.98 -21.71 -12.88
C LEU B 354 -2.05 -22.84 -11.84
N ALA B 355 -1.62 -22.54 -10.61
CA ALA B 355 -1.72 -23.47 -9.48
C ALA B 355 -2.20 -22.71 -8.24
N LYS B 356 -2.39 -23.41 -7.13
CA LYS B 356 -2.81 -22.78 -5.87
C LYS B 356 -1.82 -23.07 -4.76
N VAL B 357 -1.65 -22.09 -3.88
CA VAL B 357 -0.75 -22.18 -2.72
C VAL B 357 -1.54 -21.63 -1.54
N ASN B 358 -1.91 -22.53 -0.62
CA ASN B 358 -2.83 -22.24 0.47
C ASN B 358 -4.06 -21.47 -0.02
N GLY B 359 -4.66 -21.96 -1.11
CA GLY B 359 -5.85 -21.35 -1.72
C GLY B 359 -5.61 -20.16 -2.67
N LEU B 360 -4.36 -19.70 -2.74
CA LEU B 360 -4.00 -18.48 -3.49
C LEU B 360 -3.39 -18.81 -4.84
N LEU B 361 -3.78 -18.06 -5.87
CA LEU B 361 -3.31 -18.30 -7.24
C LEU B 361 -1.87 -17.86 -7.45
N VAL B 362 -1.08 -18.74 -8.05
CA VAL B 362 0.24 -18.41 -8.55
C VAL B 362 0.36 -18.94 -9.96
N GLY B 363 1.25 -18.34 -10.75
CA GLY B 363 1.57 -18.85 -12.07
C GLY B 363 2.87 -19.61 -11.98
N VAL B 364 2.89 -20.82 -12.53
CA VAL B 364 4.05 -21.70 -12.42
C VAL B 364 4.67 -21.91 -13.79
N ILE B 365 5.97 -21.68 -13.89
CA ILE B 365 6.70 -21.89 -15.13
C ILE B 365 7.87 -22.84 -14.87
N ALA B 366 7.91 -23.95 -15.59
CA ALA B 366 8.88 -25.03 -15.31
C ALA B 366 9.33 -25.78 -16.57
N ASN B 367 10.61 -26.15 -16.61
CA ASN B 367 11.16 -26.93 -17.71
C ASN B 367 10.57 -28.34 -17.79
N VAL B 368 10.39 -28.81 -19.01
CA VAL B 368 10.08 -30.22 -19.24
C VAL B 368 11.39 -30.92 -19.62
N GLN B 369 11.59 -32.11 -19.07
CA GLN B 369 12.79 -32.90 -19.37
C GLN B 369 12.48 -34.05 -20.33
N GLY B 370 13.53 -34.61 -20.93
CA GLY B 370 13.38 -35.77 -21.81
C GLY B 370 13.41 -35.43 -23.28
N LEU B 371 13.12 -36.43 -24.11
CA LEU B 371 13.17 -36.25 -25.55
C LEU B 371 11.85 -35.64 -26.06
N LEU B 372 11.96 -34.68 -26.98
CA LEU B 372 10.78 -34.05 -27.56
C LEU B 372 10.68 -34.45 -29.02
N MET B 373 9.71 -35.31 -29.31
CA MET B 373 9.59 -35.90 -30.64
C MET B 373 9.17 -34.88 -31.68
N ASN B 374 9.83 -34.92 -32.83
CA ASN B 374 9.48 -34.09 -33.97
C ASN B 374 9.39 -32.60 -33.59
N TYR B 375 10.51 -32.08 -33.11
CA TYR B 375 10.56 -30.77 -32.49
C TYR B 375 12.02 -30.33 -32.43
N PRO B 376 12.29 -29.00 -32.59
CA PRO B 376 11.35 -27.89 -32.84
C PRO B 376 10.78 -27.85 -34.26
N GLU B 377 9.67 -27.14 -34.44
CA GLU B 377 8.99 -27.03 -35.75
C GLU B 377 9.82 -26.41 -36.87
N TYR B 378 10.84 -25.62 -36.53
CA TYR B 378 11.66 -24.94 -37.53
C TYR B 378 12.83 -25.80 -38.03
N LYS B 379 12.85 -27.03 -37.59
CA LYS B 379 13.85 -27.95 -38.05
C LYS B 379 13.18 -29.09 -38.76
N GLN B 380 13.82 -29.52 -39.81
CA GLN B 380 13.28 -30.48 -40.74
C GLN B 380 12.90 -31.81 -40.11
N ASN B 381 13.83 -32.45 -39.41
CA ASN B 381 13.54 -33.70 -38.77
C ASN B 381 14.33 -33.79 -37.52
N SER B 382 13.77 -33.38 -36.42
CA SER B 382 14.57 -33.22 -35.24
C SER B 382 13.95 -33.89 -34.07
N VAL B 383 14.77 -34.14 -33.09
CA VAL B 383 14.36 -34.51 -31.74
C VAL B 383 14.85 -33.44 -30.76
N GLY B 384 13.91 -32.82 -30.04
CA GLY B 384 14.24 -31.76 -29.11
C GLY B 384 14.68 -32.26 -27.76
N ILE B 385 15.52 -31.47 -27.09
CA ILE B 385 16.04 -31.79 -25.76
C ILE B 385 15.28 -30.98 -24.71
N GLY B 386 14.56 -31.68 -23.82
CA GLY B 386 13.98 -31.07 -22.63
C GLY B 386 15.05 -30.36 -21.83
N GLY B 387 14.68 -29.23 -21.21
CA GLY B 387 15.65 -28.39 -20.52
C GLY B 387 16.24 -27.31 -21.42
N LYS B 388 15.94 -27.37 -22.71
CA LYS B 388 16.34 -26.32 -23.63
C LYS B 388 15.13 -25.47 -24.00
N LEU B 389 15.40 -24.28 -24.48
CA LEU B 389 14.33 -23.35 -24.87
C LEU B 389 14.28 -23.16 -26.38
N TYR B 390 13.09 -23.28 -26.94
CA TYR B 390 12.87 -23.09 -28.37
C TYR B 390 11.89 -21.94 -28.65
N ARG B 391 11.41 -21.82 -29.88
CA ARG B 391 10.56 -20.70 -30.26
C ARG B 391 9.24 -20.69 -29.50
N GLN B 392 8.49 -21.79 -29.56
CA GLN B 392 7.16 -21.83 -28.97
C GLN B 392 7.18 -21.70 -27.46
N GLY B 393 8.21 -22.25 -26.81
CA GLY B 393 8.35 -22.16 -25.37
C GLY B 393 8.54 -20.71 -24.93
N LEU B 394 9.45 -20.02 -25.61
CA LEU B 394 9.72 -18.62 -25.33
C LEU B 394 8.50 -17.74 -25.57
N ILE B 395 7.77 -18.00 -26.65
CA ILE B 395 6.57 -17.23 -26.95
C ILE B 395 5.46 -17.51 -25.94
N LYS B 396 5.25 -18.77 -25.60
CA LYS B 396 4.26 -19.16 -24.58
C LYS B 396 4.55 -18.46 -23.24
N MET B 397 5.81 -18.48 -22.82
CA MET B 397 6.21 -17.82 -21.58
C MET B 397 5.97 -16.32 -21.63
N ASN B 398 6.39 -15.68 -22.72
CA ASN B 398 6.10 -14.27 -22.95
C ASN B 398 4.64 -13.92 -22.72
N GLU B 399 3.73 -14.74 -23.29
CA GLU B 399 2.30 -14.51 -23.15
C GLU B 399 1.83 -14.77 -21.73
N PHE B 400 2.27 -15.88 -21.16
CA PHE B 400 1.85 -16.27 -19.83
C PHE B 400 2.30 -15.26 -18.79
N VAL B 401 3.53 -14.77 -18.91
CA VAL B 401 4.03 -13.74 -18.00
C VAL B 401 3.16 -12.48 -18.11
N THR B 402 2.95 -12.04 -19.34
CA THR B 402 2.16 -10.86 -19.62
C THR B 402 0.73 -11.01 -19.07
N LEU B 403 0.13 -12.18 -19.28
CA LEU B 403 -1.22 -12.45 -18.75
C LEU B 403 -1.25 -12.45 -17.23
N CYS B 404 -0.29 -13.12 -16.60
CA CYS B 404 -0.26 -13.17 -15.12
C CYS B 404 -0.03 -11.80 -14.52
N ALA B 405 0.85 -11.00 -15.16
CA ALA B 405 1.10 -9.63 -14.78
C ALA B 405 -0.17 -8.78 -14.78
N ARG B 406 -0.97 -8.92 -15.84
CA ARG B 406 -2.24 -8.19 -15.93
C ARG B 406 -3.18 -8.63 -14.83
N ASP B 407 -3.11 -9.92 -14.49
CA ASP B 407 -3.99 -10.50 -13.50
C ASP B 407 -3.49 -10.34 -12.08
N ARG B 408 -2.31 -9.74 -11.91
CA ARG B 408 -1.68 -9.57 -10.60
C ARG B 408 -1.40 -10.92 -9.91
N ILE B 409 -1.06 -11.92 -10.72
CA ILE B 409 -0.75 -13.26 -10.22
C ILE B 409 0.76 -13.44 -10.16
N PRO B 410 1.34 -13.62 -8.95
CA PRO B 410 2.78 -13.79 -8.82
C PRO B 410 3.28 -15.05 -9.52
N LEU B 411 4.51 -15.00 -10.00
CA LEU B 411 5.10 -16.12 -10.73
C LEU B 411 6.16 -16.84 -9.92
N ILE B 412 6.10 -18.16 -9.99
CA ILE B 412 7.12 -19.02 -9.41
C ILE B 412 7.77 -19.79 -10.55
N TRP B 413 9.10 -19.64 -10.67
CA TRP B 413 9.88 -20.29 -11.71
C TRP B 413 10.62 -21.50 -11.17
N LEU B 414 10.43 -22.64 -11.81
CA LEU B 414 11.17 -23.85 -11.46
C LEU B 414 12.21 -24.16 -12.54
N GLN B 415 13.46 -23.83 -12.27
CA GLN B 415 14.53 -23.95 -13.26
C GLN B 415 15.24 -25.29 -13.23
N ASP B 416 15.33 -25.92 -14.39
CA ASP B 416 16.23 -27.04 -14.65
C ASP B 416 16.54 -26.97 -16.14
N THR B 417 17.60 -26.25 -16.50
CA THR B 417 17.78 -25.82 -17.87
C THR B 417 19.22 -25.86 -18.37
N THR B 418 19.40 -26.17 -19.64
CA THR B 418 20.73 -26.23 -20.26
C THR B 418 20.88 -25.19 -21.37
N GLY B 419 19.90 -24.31 -21.48
CA GLY B 419 20.04 -23.16 -22.38
C GLY B 419 19.04 -23.03 -23.51
N ILE B 420 19.31 -22.07 -24.37
CA ILE B 420 18.48 -21.81 -25.52
C ILE B 420 19.13 -22.49 -26.74
N ASP B 421 18.29 -22.99 -27.64
CA ASP B 421 18.75 -23.64 -28.87
C ASP B 421 19.68 -22.71 -29.67
N VAL B 422 20.76 -23.28 -30.19
CA VAL B 422 21.80 -22.51 -30.88
C VAL B 422 21.85 -22.87 -32.38
N GLY B 423 22.58 -22.09 -33.16
CA GLY B 423 22.69 -22.30 -34.61
C GLY B 423 21.77 -21.40 -35.43
N ASP B 424 22.06 -21.28 -36.72
CA ASP B 424 21.36 -20.35 -37.61
C ASP B 424 19.89 -20.68 -37.89
N GLU B 425 19.49 -21.93 -37.71
CA GLU B 425 18.08 -22.25 -37.81
C GLU B 425 17.35 -21.66 -36.61
N ALA B 426 17.95 -21.81 -35.43
CA ALA B 426 17.46 -21.18 -34.21
C ALA B 426 17.48 -19.66 -34.31
N GLU B 427 18.55 -19.10 -34.88
CA GLU B 427 18.66 -17.66 -35.08
C GLU B 427 17.52 -17.15 -35.94
N LYS B 428 17.34 -17.75 -37.12
CA LYS B 428 16.22 -17.42 -38.00
C LYS B 428 14.85 -17.56 -37.32
N ALA B 429 14.77 -18.42 -36.31
CA ALA B 429 13.53 -18.63 -35.55
C ALA B 429 13.35 -17.57 -34.44
N GLU B 430 14.29 -16.63 -34.37
CA GLU B 430 14.21 -15.40 -33.54
C GLU B 430 14.58 -15.61 -32.08
N LEU B 431 15.18 -16.75 -31.78
CA LEU B 431 15.41 -17.14 -30.39
C LEU B 431 16.15 -16.11 -29.55
N LEU B 432 17.13 -15.43 -30.14
CA LEU B 432 17.87 -14.37 -29.45
C LEU B 432 16.94 -13.23 -29.03
N GLY B 433 16.05 -12.83 -29.95
CA GLY B 433 15.08 -11.77 -29.69
C GLY B 433 13.91 -12.22 -28.83
N LEU B 434 13.54 -13.49 -28.94
CA LEU B 434 12.47 -14.06 -28.12
C LEU B 434 12.90 -14.20 -26.65
N GLY B 435 14.17 -14.56 -26.45
CA GLY B 435 14.73 -14.65 -25.10
C GLY B 435 14.74 -13.29 -24.41
N GLN B 436 15.20 -12.27 -25.14
CA GLN B 436 15.21 -10.91 -24.61
C GLN B 436 13.79 -10.37 -24.41
N SER B 437 12.86 -10.78 -25.27
CA SER B 437 11.46 -10.40 -25.13
C SER B 437 10.91 -10.90 -23.80
N LEU B 438 11.36 -12.08 -23.39
CA LEU B 438 10.98 -12.63 -22.10
C LEU B 438 11.49 -11.78 -20.95
N ILE B 439 12.75 -11.36 -21.04
CA ILE B 439 13.34 -10.42 -20.08
C ILE B 439 12.52 -9.12 -20.00
N TYR B 440 12.20 -8.56 -21.16
CA TYR B 440 11.33 -7.39 -21.23
C TYR B 440 9.98 -7.66 -20.58
N SER B 441 9.37 -8.81 -20.89
CA SER B 441 8.07 -9.21 -20.31
C SER B 441 8.08 -9.29 -18.78
N ILE B 442 9.14 -9.88 -18.24
CA ILE B 442 9.34 -10.02 -16.79
C ILE B 442 9.47 -8.64 -16.16
N GLU B 443 10.35 -7.81 -16.71
CA GLU B 443 10.59 -6.47 -16.19
C GLU B 443 9.30 -5.65 -16.22
N ASN B 444 8.48 -5.89 -17.23
CA ASN B 444 7.18 -5.23 -17.38
C ASN B 444 6.13 -5.68 -16.37
N SER B 445 6.30 -6.88 -15.81
CA SER B 445 5.30 -7.48 -14.93
C SER B 445 5.14 -6.75 -13.60
N LYS B 446 6.26 -6.20 -13.10
CA LYS B 446 6.28 -5.42 -11.85
C LYS B 446 5.61 -6.11 -10.65
N LEU B 447 5.87 -7.41 -10.51
CA LEU B 447 5.33 -8.22 -9.41
C LEU B 447 6.44 -9.03 -8.75
N PRO B 448 6.34 -9.27 -7.44
CA PRO B 448 7.32 -10.13 -6.79
C PRO B 448 7.28 -11.54 -7.38
N SER B 449 8.45 -12.14 -7.56
CA SER B 449 8.56 -13.47 -8.14
C SER B 449 9.58 -14.31 -7.37
N LEU B 450 9.35 -15.63 -7.36
CA LEU B 450 10.26 -16.56 -6.73
C LEU B 450 10.89 -17.44 -7.78
N GLU B 451 12.21 -17.67 -7.64
CA GLU B 451 12.89 -18.62 -8.50
C GLU B 451 13.49 -19.79 -7.70
N ILE B 452 13.15 -21.00 -8.13
CA ILE B 452 13.58 -22.23 -7.46
C ILE B 452 14.39 -23.08 -8.45
N THR B 453 15.69 -23.25 -8.20
CA THR B 453 16.52 -24.09 -9.06
C THR B 453 16.39 -25.58 -8.68
N ILE B 454 15.70 -26.34 -9.51
CA ILE B 454 15.51 -27.76 -9.27
C ILE B 454 16.82 -28.53 -9.46
N ARG B 455 17.46 -28.35 -10.61
CA ARG B 455 18.79 -28.90 -10.84
C ARG B 455 19.69 -27.89 -11.55
N LYS B 456 19.63 -27.87 -12.87
CA LYS B 456 20.55 -27.06 -13.65
C LYS B 456 20.08 -25.61 -13.82
N ALA B 457 20.89 -24.69 -13.33
CA ALA B 457 20.82 -23.28 -13.71
C ALA B 457 22.05 -23.00 -14.56
N SER B 458 21.85 -22.86 -15.87
CA SER B 458 22.97 -22.64 -16.79
C SER B 458 22.56 -21.82 -18.01
N ALA B 459 23.57 -21.33 -18.74
CA ALA B 459 23.40 -20.54 -19.97
C ALA B 459 22.49 -19.30 -19.80
N ALA B 460 22.02 -18.75 -20.91
CA ALA B 460 21.12 -17.59 -20.86
C ALA B 460 19.75 -17.95 -20.32
N ALA B 461 19.41 -19.25 -20.36
CA ALA B 461 18.11 -19.71 -19.87
C ALA B 461 17.94 -19.42 -18.38
N HIS B 462 19.04 -19.47 -17.62
CA HIS B 462 19.01 -19.11 -16.21
C HIS B 462 18.53 -17.65 -16.00
N TYR B 463 18.94 -16.78 -16.92
CA TYR B 463 18.57 -15.35 -16.90
C TYR B 463 17.09 -15.14 -17.22
N VAL B 464 16.64 -15.72 -18.32
CA VAL B 464 15.30 -15.45 -18.86
C VAL B 464 14.19 -16.17 -18.09
N LEU B 465 14.56 -17.26 -17.40
CA LEU B 465 13.57 -18.05 -16.68
C LEU B 465 13.32 -17.50 -15.26
N GLY B 466 12.98 -16.21 -15.20
CA GLY B 466 12.76 -15.53 -13.93
C GLY B 466 13.99 -15.50 -13.03
N GLY B 467 15.16 -15.41 -13.65
CA GLY B 467 16.43 -15.42 -12.92
C GLY B 467 16.57 -14.29 -11.92
N PRO B 468 17.47 -14.46 -10.93
CA PRO B 468 17.70 -13.41 -9.93
C PRO B 468 18.37 -12.15 -10.52
N GLN B 469 18.66 -12.20 -11.82
CA GLN B 469 19.20 -11.06 -12.55
C GLN B 469 18.16 -9.96 -12.78
N GLY B 470 16.89 -10.28 -12.48
CA GLY B 470 15.82 -9.31 -12.48
C GLY B 470 15.65 -8.71 -11.11
N ASN B 471 16.44 -7.69 -10.82
CA ASN B 471 16.52 -7.11 -9.46
C ASN B 471 15.24 -6.40 -9.00
N ASN B 472 14.30 -6.19 -9.92
CA ASN B 472 13.05 -5.52 -9.60
C ASN B 472 11.92 -6.50 -9.32
N THR B 473 12.07 -7.74 -9.79
CA THR B 473 11.00 -8.73 -9.68
C THR B 473 11.34 -9.98 -8.84
N ASN B 474 12.55 -10.52 -9.01
CA ASN B 474 12.94 -11.68 -8.23
C ASN B 474 13.31 -11.32 -6.80
N VAL B 475 12.52 -11.78 -5.84
CA VAL B 475 12.70 -11.42 -4.43
C VAL B 475 13.95 -12.07 -3.84
N PHE B 476 14.14 -13.35 -4.15
CA PHE B 476 15.31 -14.13 -3.80
C PHE B 476 15.23 -15.45 -4.58
N SER B 477 16.27 -16.28 -4.48
CA SER B 477 16.26 -17.57 -5.15
C SER B 477 16.67 -18.70 -4.21
N ILE B 478 16.05 -19.85 -4.39
CA ILE B 478 16.40 -21.04 -3.60
C ILE B 478 16.72 -22.20 -4.53
N GLY B 479 17.46 -23.17 -4.02
CA GLY B 479 17.85 -24.34 -4.79
C GLY B 479 17.76 -25.60 -3.93
N THR B 480 17.54 -26.74 -4.57
CA THR B 480 17.55 -28.03 -3.89
C THR B 480 18.97 -28.58 -3.85
N GLY B 481 19.15 -29.71 -3.17
CA GLY B 481 20.45 -30.38 -3.08
C GLY B 481 20.94 -30.95 -4.41
N ALA B 482 20.02 -31.08 -5.37
CA ALA B 482 20.32 -31.57 -6.70
C ALA B 482 20.72 -30.48 -7.69
N CYS B 483 20.88 -29.24 -7.20
CA CYS B 483 21.13 -28.12 -8.11
C CYS B 483 22.61 -27.90 -8.37
N GLU B 484 22.88 -27.24 -9.50
CA GLU B 484 24.24 -26.86 -9.88
C GLU B 484 24.19 -25.66 -10.83
N TYR B 485 25.15 -24.74 -10.66
CA TYR B 485 25.25 -23.48 -11.41
C TYR B 485 26.56 -23.40 -12.19
N TYR B 486 26.47 -23.22 -13.49
CA TYR B 486 27.63 -22.98 -14.35
C TYR B 486 27.20 -22.30 -15.64
N VAL B 487 28.13 -21.61 -16.30
CA VAL B 487 27.82 -21.01 -17.60
C VAL B 487 27.43 -22.11 -18.59
N MET B 488 28.24 -23.18 -18.61
CA MET B 488 28.01 -24.39 -19.39
C MET B 488 28.78 -25.53 -18.70
N PRO B 489 28.52 -26.80 -19.08
CA PRO B 489 29.31 -27.89 -18.49
C PRO B 489 30.81 -27.71 -18.70
N GLY B 490 31.60 -28.09 -17.70
CA GLY B 490 33.07 -27.99 -17.74
C GLY B 490 33.70 -28.52 -19.02
N GLU B 491 33.20 -29.65 -19.51
CA GLU B 491 33.71 -30.25 -20.74
C GLU B 491 33.51 -29.37 -21.97
N THR B 492 32.29 -28.90 -22.17
CA THR B 492 31.97 -28.00 -23.28
C THR B 492 32.77 -26.71 -23.17
N ALA B 493 33.00 -26.27 -21.95
CA ALA B 493 33.73 -25.04 -21.69
C ALA B 493 35.21 -25.17 -22.02
N ALA B 494 35.82 -26.27 -21.58
CA ALA B 494 37.23 -26.57 -21.88
C ALA B 494 37.45 -26.66 -23.38
N ASN B 495 36.46 -27.26 -24.05
CA ASN B 495 36.42 -27.37 -25.50
C ASN B 495 36.51 -26.01 -26.19
N ALA B 496 35.48 -25.19 -26.01
CA ALA B 496 35.37 -23.88 -26.66
C ALA B 496 36.54 -22.94 -26.33
N MET B 497 37.16 -23.15 -25.16
CA MET B 497 38.30 -22.36 -24.71
C MET B 497 39.59 -22.80 -25.39
N TYR B 498 39.82 -24.11 -25.46
CA TYR B 498 41.13 -24.63 -25.87
C TYR B 498 41.18 -25.41 -27.19
N SER B 499 40.06 -25.49 -27.91
CA SER B 499 40.03 -26.24 -29.17
C SER B 499 40.87 -25.57 -30.27
N ARG B 500 40.75 -24.25 -30.39
CA ARG B 500 41.52 -23.45 -31.35
C ARG B 500 43.01 -23.38 -30.99
N LYS B 501 43.32 -23.54 -29.70
CA LYS B 501 44.72 -23.65 -29.25
C LYS B 501 45.31 -25.05 -29.42
N LEU B 502 44.58 -25.93 -30.11
CA LEU B 502 45.10 -27.23 -30.52
C LEU B 502 45.31 -27.24 -32.04
N VAL B 503 44.71 -26.25 -32.69
CA VAL B 503 44.94 -25.98 -34.12
C VAL B 503 46.35 -25.41 -34.33
N LYS B 504 46.89 -24.75 -33.32
CA LYS B 504 48.30 -24.38 -33.30
C LYS B 504 49.15 -25.59 -32.88
N ALA B 505 49.00 -26.01 -31.62
CA ALA B 505 49.74 -27.16 -31.07
C ALA B 505 49.03 -28.48 -31.38
N GLN B 513 50.69 -30.52 -24.93
CA GLN B 513 50.47 -31.18 -23.65
C GLN B 513 50.16 -30.22 -22.47
N PRO B 514 50.90 -29.09 -22.37
CA PRO B 514 50.55 -28.13 -21.31
C PRO B 514 49.11 -27.62 -21.43
N ILE B 515 48.53 -27.76 -22.63
CA ILE B 515 47.15 -27.36 -22.91
C ILE B 515 46.13 -28.43 -22.46
N ILE B 516 46.47 -29.71 -22.65
CA ILE B 516 45.63 -30.82 -22.16
C ILE B 516 45.45 -30.74 -20.64
N GLY B 517 46.55 -30.49 -19.94
CA GLY B 517 46.56 -30.42 -18.47
C GLY B 517 45.64 -29.36 -17.90
N LYS B 518 45.58 -28.21 -18.57
CA LYS B 518 44.75 -27.11 -18.08
C LYS B 518 43.30 -27.16 -18.61
N MET B 519 43.02 -28.15 -19.45
CA MET B 519 41.65 -28.48 -19.84
C MET B 519 41.00 -29.33 -18.75
N ASN B 520 41.78 -30.25 -18.18
CA ASN B 520 41.32 -31.09 -17.07
C ASN B 520 41.21 -30.29 -15.79
N ASP B 521 42.04 -29.25 -15.68
CA ASP B 521 41.95 -28.29 -14.57
C ASP B 521 40.62 -27.57 -14.61
N MET B 522 40.24 -27.13 -15.81
CA MET B 522 38.99 -26.41 -16.04
C MET B 522 37.79 -27.29 -15.70
N ILE B 523 37.79 -28.53 -16.19
CA ILE B 523 36.72 -29.49 -15.90
C ILE B 523 36.54 -29.70 -14.39
N GLN B 524 37.67 -29.84 -13.68
CA GLN B 524 37.65 -30.04 -12.23
C GLN B 524 37.14 -28.81 -11.50
N MET B 525 37.59 -27.65 -11.96
CA MET B 525 37.21 -26.39 -11.33
C MET B 525 35.71 -26.09 -11.50
N TYR B 526 35.17 -26.34 -12.70
CA TYR B 526 33.75 -26.18 -12.97
C TYR B 526 32.88 -27.07 -12.09
N THR B 527 33.37 -28.27 -11.78
CA THR B 527 32.69 -29.18 -10.84
C THR B 527 32.76 -28.62 -9.40
N ASP B 528 33.94 -28.14 -9.00
CA ASP B 528 34.13 -27.60 -7.65
C ASP B 528 33.31 -26.33 -7.43
N LYS B 529 33.37 -25.41 -8.40
CA LYS B 529 32.77 -24.10 -8.29
C LYS B 529 31.28 -24.07 -8.67
N SER B 530 30.68 -25.25 -8.84
CA SER B 530 29.27 -25.37 -9.17
C SER B 530 28.50 -26.28 -8.20
N ARG B 531 29.11 -26.63 -7.07
CA ARG B 531 28.45 -27.44 -6.04
C ARG B 531 27.46 -26.57 -5.26
N PRO B 532 26.29 -27.14 -4.90
CA PRO B 532 25.26 -26.40 -4.15
C PRO B 532 25.78 -25.51 -3.02
N LYS B 533 26.71 -26.03 -2.21
CA LYS B 533 27.22 -25.28 -1.06
C LYS B 533 28.03 -24.08 -1.51
N TYR B 534 28.88 -24.29 -2.52
CA TYR B 534 29.69 -23.21 -3.07
C TYR B 534 28.80 -22.12 -3.69
N CYS B 535 27.75 -22.55 -4.37
CA CYS B 535 26.81 -21.65 -5.02
C CYS B 535 26.09 -20.73 -4.03
N THR B 536 25.66 -21.27 -2.89
CA THR B 536 25.00 -20.45 -1.90
C THR B 536 25.97 -19.62 -1.05
N GLU B 537 27.21 -20.07 -0.94
CA GLU B 537 28.25 -19.30 -0.25
C GLU B 537 28.57 -18.02 -1.00
N LYS B 538 28.55 -18.13 -2.34
CA LYS B 538 28.80 -17.00 -3.23
C LYS B 538 27.53 -16.19 -3.48
N GLY B 539 26.38 -16.76 -3.12
CA GLY B 539 25.10 -16.10 -3.28
C GLY B 539 24.45 -16.24 -4.64
N MET B 540 24.95 -17.17 -5.45
CA MET B 540 24.37 -17.51 -6.75
C MET B 540 22.92 -17.96 -6.57
N VAL B 541 22.70 -18.69 -5.49
CA VAL B 541 21.38 -19.05 -4.99
C VAL B 541 21.35 -18.63 -3.52
N ASP B 542 20.23 -18.11 -3.03
CA ASP B 542 20.21 -17.55 -1.67
C ASP B 542 20.22 -18.61 -0.55
N GLU B 543 19.52 -19.71 -0.76
CA GLU B 543 19.48 -20.80 0.20
C GLU B 543 19.35 -22.16 -0.50
N ILE B 544 20.05 -23.16 0.02
CA ILE B 544 19.82 -24.56 -0.35
C ILE B 544 18.80 -25.12 0.64
N VAL B 545 17.66 -25.57 0.13
CA VAL B 545 16.58 -26.03 1.00
C VAL B 545 16.29 -27.52 0.79
N ASP B 546 15.78 -28.18 1.83
CA ASP B 546 15.45 -29.59 1.75
C ASP B 546 14.27 -29.84 0.83
N MET B 547 14.22 -31.02 0.21
CA MET B 547 13.12 -31.40 -0.66
C MET B 547 11.75 -31.21 0.02
N THR B 548 11.69 -31.49 1.32
CA THR B 548 10.45 -31.35 2.11
C THR B 548 10.23 -29.90 2.56
N GLU B 549 11.16 -29.03 2.16
CA GLU B 549 11.15 -27.65 2.63
C GLU B 549 10.83 -26.65 1.50
N VAL B 550 10.77 -27.13 0.25
CA VAL B 550 10.45 -26.30 -0.92
C VAL B 550 9.02 -25.75 -0.88
N ARG B 551 8.02 -26.60 -0.60
CA ARG B 551 6.65 -26.12 -0.44
C ARG B 551 6.52 -25.07 0.68
N PRO B 552 7.04 -25.37 1.89
CA PRO B 552 7.11 -24.33 2.92
C PRO B 552 7.60 -22.97 2.42
N TYR B 553 8.66 -22.95 1.62
CA TYR B 553 9.19 -21.67 1.11
C TYR B 553 8.21 -21.01 0.12
N ILE B 554 7.66 -21.83 -0.78
CA ILE B 554 6.60 -21.38 -1.69
C ILE B 554 5.41 -20.80 -0.93
N GLN B 555 5.05 -21.40 0.19
CA GLN B 555 3.94 -20.92 1.01
C GLN B 555 4.28 -19.60 1.68
N ALA B 556 5.48 -19.52 2.26
CA ALA B 556 5.99 -18.27 2.83
C ALA B 556 5.95 -17.15 1.78
N PHE B 557 6.59 -17.40 0.63
CA PHE B 557 6.61 -16.42 -0.46
C PHE B 557 5.21 -15.96 -0.85
N THR B 558 4.33 -16.91 -1.18
CA THR B 558 3.02 -16.59 -1.73
C THR B 558 2.15 -15.82 -0.75
N GLU B 559 2.20 -16.22 0.52
CA GLU B 559 1.41 -15.58 1.54
C GLU B 559 1.94 -14.16 1.84
N ALA B 560 3.26 -14.02 1.79
CA ALA B 560 3.89 -12.69 1.87
C ALA B 560 3.50 -11.81 0.68
N ALA B 561 3.48 -12.39 -0.52
CA ALA B 561 3.11 -11.65 -1.72
C ALA B 561 1.70 -11.10 -1.65
N TYR B 562 0.76 -11.88 -1.10
CA TYR B 562 -0.64 -11.47 -1.02
C TYR B 562 -1.03 -10.79 0.30
N GLN B 563 -0.05 -10.50 1.15
CA GLN B 563 -0.33 -9.96 2.48
C GLN B 563 -0.78 -8.52 2.40
N ASN B 564 -0.09 -7.75 1.58
CA ASN B 564 -0.39 -6.35 1.37
C ASN B 564 0.00 -5.92 -0.05
N PRO B 565 -0.63 -6.53 -1.07
CA PRO B 565 -0.21 -6.24 -2.43
C PRO B 565 -0.62 -4.82 -2.85
N GLN B 566 0.15 -4.21 -3.74
CA GLN B 566 -0.09 -2.82 -4.12
C GLN B 566 -1.09 -2.64 -5.27
N SER B 567 -1.61 -3.76 -5.75
CA SER B 567 -2.46 -3.77 -6.94
C SER B 567 -3.35 -5.03 -6.94
N ILE B 568 -4.60 -4.90 -7.38
CA ILE B 568 -5.54 -6.02 -7.40
C ILE B 568 -6.18 -6.19 -8.77
N CYS B 569 -6.37 -7.46 -9.18
CA CYS B 569 -7.32 -7.79 -10.25
C CYS B 569 -8.44 -8.68 -9.70
N PRO B 570 -9.69 -8.17 -9.66
CA PRO B 570 -10.80 -9.02 -9.23
C PRO B 570 -10.84 -10.32 -10.03
N MET B 571 -11.23 -11.43 -9.39
CA MET B 571 -11.18 -12.75 -10.05
C MET B 571 -12.00 -12.81 -11.33
N HIS B 572 -13.17 -12.19 -11.31
CA HIS B 572 -14.06 -12.18 -12.47
C HIS B 572 -13.55 -11.32 -13.62
N GLN B 573 -12.42 -10.63 -13.40
CA GLN B 573 -11.84 -9.73 -14.37
C GLN B 573 -10.47 -10.20 -14.84
N MET B 574 -10.11 -11.42 -14.44
CA MET B 574 -8.82 -12.03 -14.81
C MET B 574 -8.87 -12.60 -16.22
N LEU B 575 -7.77 -12.46 -16.95
CA LEU B 575 -7.74 -12.91 -18.34
C LEU B 575 -7.13 -14.31 -18.47
N THR B 576 -6.12 -14.61 -17.65
CA THR B 576 -5.43 -15.89 -17.77
C THR B 576 -6.37 -17.10 -17.79
N PRO B 577 -7.34 -17.20 -16.85
CA PRO B 577 -8.23 -18.36 -16.88
C PRO B 577 -9.05 -18.43 -18.16
N ARG B 578 -9.53 -17.27 -18.60
CA ARG B 578 -10.34 -17.17 -19.81
C ARG B 578 -9.55 -17.59 -21.07
N SER B 579 -8.36 -17.02 -21.25
CA SER B 579 -7.53 -17.36 -22.41
C SER B 579 -7.12 -18.84 -22.39
N THR B 580 -6.87 -19.37 -21.19
CA THR B 580 -6.49 -20.77 -21.00
C THR B 580 -7.62 -21.69 -21.49
N ARG B 581 -8.84 -21.33 -21.10
CA ARG B 581 -10.04 -22.09 -21.43
C ARG B 581 -10.28 -22.09 -22.94
N GLU B 582 -10.27 -20.90 -23.55
CA GLU B 582 -10.49 -20.72 -24.99
C GLU B 582 -9.56 -21.57 -25.86
N PHE B 583 -8.27 -21.59 -25.49
CA PHE B 583 -7.30 -22.41 -26.19
C PHE B 583 -7.66 -23.89 -26.11
N GLU B 584 -8.24 -24.32 -24.99
CA GLU B 584 -8.64 -25.72 -24.83
C GLU B 584 -9.86 -26.07 -25.68
N THR B 585 -10.79 -25.13 -25.80
CA THR B 585 -12.02 -25.39 -26.55
C THR B 585 -11.93 -25.05 -28.05
N PHE B 586 -11.60 -23.78 -28.36
CA PHE B 586 -11.58 -23.27 -29.75
C PHE B 586 -10.63 -24.05 -30.67
O9A GRA C . -42.47 0.94 -15.45
P3X GRA C . -42.83 0.48 -14.05
O7A GRA C . -41.94 -0.61 -13.51
O8A GRA C . -44.30 0.24 -13.84
O3X GRA C . -42.54 1.77 -13.11
C3X GRA C . -41.20 2.09 -12.76
C2X GRA C . -40.73 3.44 -13.29
O2X GRA C . -41.76 4.43 -13.20
C4X GRA C . -40.93 2.16 -11.27
O4X GRA C . -39.87 3.09 -11.11
C1X GRA C . -39.57 3.74 -12.35
N9A GRA C . -38.34 3.19 -13.00
C4A GRA C . -37.62 3.81 -13.95
N3A GRA C . -37.73 5.02 -14.56
C2A GRA C . -36.84 5.38 -15.50
C8A GRA C . -37.77 2.00 -12.76
N7A GRA C . -36.69 1.84 -13.54
C5A GRA C . -36.57 2.96 -14.29
C6A GRA C . -35.67 3.36 -15.26
N6A GRA C . -34.64 2.56 -15.61
N1A GRA C . -35.82 4.58 -15.84
C5X GRA C . -40.50 0.79 -10.79
O5X GRA C . -39.99 0.86 -9.46
P1A GRA C . -40.50 -0.16 -8.33
O1A GRA C . -41.95 -0.47 -8.63
O2A GRA C . -40.12 0.41 -6.97
O3A GRA C . -39.61 -1.50 -8.53
P2A GRA C . -40.15 -2.83 -9.29
O4A GRA C . -41.10 -2.43 -10.40
O5A GRA C . -40.60 -3.82 -8.24
O6A GRA C . -38.81 -3.42 -9.95
C13 GRA C . -37.80 -2.57 -10.51
C12 GRA C . -37.34 -3.05 -11.88
C15 GRA C . -37.25 -4.58 -11.89
C16 GRA C . -35.94 -2.49 -12.07
C14 GRA C . -38.31 -2.58 -12.97
O1 GRA C . -38.82 -1.27 -12.68
C1 GRA C . -37.67 -2.60 -14.33
O2 GRA C . -37.48 -3.66 -14.91
N1 GRA C . -37.34 -1.42 -14.85
C2 GRA C . -36.71 -1.15 -16.13
C3 GRA C . -35.21 -1.28 -15.88
C4 GRA C . -34.44 -1.17 -17.18
O3 GRA C . -34.97 -1.47 -18.24
N2 GRA C . -33.19 -0.76 -17.07
C5 GRA C . -32.20 -0.57 -18.12
C6 GRA C . -31.95 0.94 -18.17
S1 GRA C . -30.91 1.27 -19.55
C7 GRA C . -29.30 1.29 -19.08
O4 GRA C . -28.98 1.47 -17.92
C8 GRA C . -28.23 1.06 -20.09
C9 GRA C . -27.01 1.58 -19.93
C10 GRA C . -25.96 1.32 -20.97
C11 GRA C . -25.83 -0.19 -21.10
O5 GRA C . -25.15 -0.81 -20.26
O6 GRA C . -26.45 -0.76 -22.03
O9A GRA D . 38.03 -4.13 22.52
P3X GRA D . 37.23 -5.10 23.34
O7A GRA D . 37.94 -5.62 24.56
O8A GRA D . 35.82 -4.59 23.65
O3X GRA D . 37.04 -6.40 22.39
C3X GRA D . 36.11 -6.40 21.30
C2X GRA D . 36.71 -6.73 19.94
O2X GRA D . 37.66 -7.81 20.03
C4X GRA D . 34.99 -7.42 21.44
O4X GRA D . 34.61 -7.78 20.10
C1X GRA D . 35.49 -7.19 19.14
N9A GRA D . 34.86 -6.01 18.47
C4A GRA D . 35.22 -5.46 17.30
N3A GRA D . 36.19 -5.74 16.39
C2A GRA D . 36.32 -5.00 15.28
C8A GRA D . 33.82 -5.30 18.95
N7A GRA D . 33.52 -4.30 18.10
C5A GRA D . 34.38 -4.38 17.07
C6A GRA D . 34.54 -3.62 15.92
N6A GRA D . 33.72 -2.58 15.68
N1A GRA D . 35.52 -3.96 15.04
C5X GRA D . 33.80 -6.81 22.17
O5X GRA D . 32.72 -7.73 22.14
P1A GRA D . 31.96 -8.18 23.49
O1A GRA D . 33.00 -8.50 24.53
O2A GRA D . 30.93 -9.22 23.10
O3A GRA D . 31.15 -6.84 23.93
P2A GRA D . 31.66 -5.72 24.99
O4A GRA D . 32.95 -6.14 25.64
O5A GRA D . 30.48 -5.34 25.85
O6A GRA D . 31.98 -4.46 24.04
C13 GRA D . 31.05 -4.00 23.06
C12 GRA D . 31.36 -2.58 22.63
C15 GRA D . 30.85 -1.62 23.70
C16 GRA D . 30.56 -2.37 21.34
C14 GRA D . 32.87 -2.35 22.42
O1 GRA D . 33.51 -3.56 21.99
C1 GRA D . 33.15 -1.23 21.43
O2 GRA D . 33.08 -0.08 21.81
N1 GRA D . 33.45 -1.61 20.18
C2 GRA D . 33.77 -0.94 18.92
C3 GRA D . 34.30 0.47 19.12
C4 GRA D . 33.49 1.47 18.31
O3 GRA D . 33.12 2.51 18.86
N2 GRA D . 33.22 1.17 17.04
C5 GRA D . 32.48 1.93 16.03
C6 GRA D . 33.05 1.44 14.71
S1 GRA D . 33.19 2.76 13.53
C7 GRA D . 31.81 2.81 12.58
O4 GRA D . 31.01 1.87 12.56
C8 GRA D . 31.56 4.03 11.78
C9 GRA D . 30.64 4.09 10.82
C10 GRA D . 30.48 5.39 10.08
C11 GRA D . 30.35 6.49 11.11
O5 GRA D . 29.23 6.74 11.61
O6 GRA D . 31.37 7.12 11.45
#